data_7RHV
#
_entry.id   7RHV
#
_cell.length_a   67.174
_cell.length_b   83.969
_cell.length_c   84.661
_cell.angle_alpha   90.000
_cell.angle_beta   97.560
_cell.angle_gamma   90.000
#
_symmetry.space_group_name_H-M   'P 1 21 1'
#
loop_
_entity.id
_entity.type
_entity.pdbx_description
1 polymer Enolase
2 non-polymer 'MAGNESIUM ION'
3 water water
#
_entity_poly.entity_id   1
_entity_poly.type   'polypeptide(L)'
_entity_poly.pdbx_seq_one_letter_code
;MAHHHHHHGSMPISKIHARSVYDSRGNPTVEVDVVTETGLHRAIVPSGASTGQHEAHELRDGDKTQWGGKGVLKAVKNVN
ETIGPALIKENIDVKDQSKVDEFLNKLDGTANKSNLGANAILGVSLAVAKAGAAEKGVPLYAHISDLAGTKKPYVLPVPF
QNVLNGGSHAGGRLAFQEFMIVPDSAPSFSEALRQGAEVYQKLKALAKKKYGQSAGNVGDEGGVAPDIQTAEEALDLITE
AIEQAGYTGKIKIAMDVASSEFYKADVKKYDLDFKNPESDPSKWLTYEQLADLYKSLAAKYPIVSIEDPFAEDDWEAWSY
FYKTSDFQIVGDDLTVTNPGRIKKAIELKSCNALLLKVNQIGTLTESIQAAKDSYADNWGVMVSHRSGETEDVTIADIAV
GLRSGQIKTGAPCRSERLAKLNQILRIEEELGENAVYAGSKFRTAVNL
;
_entity_poly.pdbx_strand_id   A,B
#
# COMPACT_ATOMS: atom_id res chain seq x y z
N PRO A 12 29.85 -1.79 -16.31
CA PRO A 12 30.03 -0.62 -15.44
C PRO A 12 28.76 0.20 -15.29
N ILE A 13 28.66 0.94 -14.17
CA ILE A 13 27.49 1.75 -13.91
C ILE A 13 27.46 2.96 -14.83
N SER A 14 26.33 3.17 -15.50
CA SER A 14 26.20 4.30 -16.42
C SER A 14 25.47 5.49 -15.81
N LYS A 15 24.55 5.26 -14.88
CA LYS A 15 23.76 6.34 -14.30
C LYS A 15 23.33 5.95 -12.89
N ILE A 16 23.45 6.92 -11.97
CA ILE A 16 22.92 6.80 -10.61
C ILE A 16 22.12 8.06 -10.33
N HIS A 17 20.83 7.91 -10.05
CA HIS A 17 19.94 9.05 -9.89
C HIS A 17 18.91 8.78 -8.80
N ALA A 18 18.72 9.75 -7.91
CA ALA A 18 17.77 9.64 -6.83
C ALA A 18 16.67 10.69 -6.96
N ARG A 19 15.50 10.36 -6.42
CA ARG A 19 14.37 11.27 -6.40
C ARG A 19 13.65 11.11 -5.06
N SER A 20 12.79 12.08 -4.76
CA SER A 20 11.90 11.98 -3.62
C SER A 20 10.60 11.28 -4.04
N VAL A 21 10.14 10.35 -3.20
CA VAL A 21 8.84 9.71 -3.34
C VAL A 21 8.18 9.69 -1.96
N TYR A 22 6.95 9.20 -1.90
CA TYR A 22 6.17 9.21 -0.66
C TYR A 22 6.04 7.81 -0.09
N ASP A 23 6.23 7.70 1.22
CA ASP A 23 6.04 6.43 1.91
C ASP A 23 4.57 6.27 2.33
N SER A 24 4.28 5.17 3.03
CA SER A 24 2.91 4.77 3.30
C SER A 24 2.21 5.68 4.30
N ARG A 25 2.94 6.52 5.04
CA ARG A 25 2.33 7.50 5.92
C ARG A 25 2.23 8.87 5.28
N GLY A 26 2.65 9.01 4.02
CA GLY A 26 2.56 10.28 3.34
C GLY A 26 3.74 11.20 3.55
N ASN A 27 4.90 10.67 3.94
CA ASN A 27 6.13 11.42 4.15
C ASN A 27 7.14 11.10 3.06
N PRO A 28 7.95 12.07 2.65
CA PRO A 28 8.95 11.81 1.61
C PRO A 28 10.00 10.82 2.05
N THR A 29 10.56 10.10 1.08
CA THR A 29 11.70 9.22 1.31
C THR A 29 12.49 9.10 0.01
N VAL A 30 13.63 8.43 0.08
CA VAL A 30 14.61 8.41 -1.00
C VAL A 30 14.40 7.17 -1.86
N GLU A 31 14.32 7.36 -3.17
CA GLU A 31 14.32 6.29 -4.16
C GLU A 31 15.51 6.48 -5.07
N VAL A 32 16.24 5.40 -5.34
CA VAL A 32 17.51 5.48 -6.07
C VAL A 32 17.46 4.56 -7.29
N ASP A 33 17.91 5.08 -8.43
CA ASP A 33 18.03 4.34 -9.68
C ASP A 33 19.50 4.09 -9.96
N VAL A 34 19.84 2.85 -10.32
CA VAL A 34 21.17 2.50 -10.79
C VAL A 34 20.99 1.80 -12.13
N VAL A 35 21.63 2.32 -13.17
CA VAL A 35 21.49 1.80 -14.53
C VAL A 35 22.79 1.12 -14.93
N THR A 36 22.67 -0.13 -15.37
CA THR A 36 23.80 -0.87 -15.91
C THR A 36 23.43 -1.42 -17.28
N GLU A 37 24.29 -2.27 -17.85
CA GLU A 37 23.97 -2.91 -19.13
C GLU A 37 22.74 -3.80 -19.04
N THR A 38 22.36 -4.24 -17.84
CA THR A 38 21.19 -5.10 -17.68
C THR A 38 19.88 -4.31 -17.52
N GLY A 39 19.95 -3.00 -17.37
CA GLY A 39 18.76 -2.20 -17.28
C GLY A 39 18.80 -1.32 -16.05
N LEU A 40 17.62 -0.89 -15.62
CA LEU A 40 17.48 0.00 -14.47
C LEU A 40 17.16 -0.83 -13.23
N HIS A 41 17.83 -0.50 -12.13
CA HIS A 41 17.66 -1.20 -10.86
C HIS A 41 17.35 -0.17 -9.79
N ARG A 42 16.23 -0.35 -9.08
CA ARG A 42 15.60 0.68 -8.29
C ARG A 42 15.31 0.18 -6.89
N ALA A 43 15.52 1.03 -5.89
CA ALA A 43 15.22 0.71 -4.50
C ALA A 43 14.68 1.96 -3.81
N ILE A 44 13.75 1.75 -2.89
CA ILE A 44 13.21 2.82 -2.04
C ILE A 44 13.58 2.51 -0.60
N VAL A 45 13.98 3.55 0.13
CA VAL A 45 14.36 3.45 1.53
C VAL A 45 13.12 3.64 2.40
N PRO A 46 12.92 2.84 3.44
CA PRO A 46 11.77 3.04 4.33
C PRO A 46 12.08 4.13 5.36
N SER A 47 11.09 4.42 6.20
CA SER A 47 11.22 5.49 7.18
C SER A 47 12.30 5.14 8.19
N GLY A 48 12.98 6.15 8.71
CA GLY A 48 14.01 5.94 9.72
C GLY A 48 14.18 7.08 10.69
N GLN A 53 17.14 5.10 19.11
CA GLN A 53 18.03 6.19 19.48
C GLN A 53 19.46 5.93 19.02
N HIS A 54 19.78 4.65 18.82
CA HIS A 54 21.11 4.23 18.43
C HIS A 54 21.20 3.87 16.94
N GLU A 55 20.17 4.16 16.15
CA GLU A 55 20.26 3.71 14.77
C GLU A 55 20.94 4.75 13.89
N ALA A 56 21.31 4.31 12.69
CA ALA A 56 21.99 5.17 11.73
C ALA A 56 21.17 6.43 11.46
N HIS A 57 21.86 7.50 11.12
CA HIS A 57 21.30 8.86 11.08
C HIS A 57 20.65 9.10 9.72
N GLU A 58 19.33 9.20 9.71
CA GLU A 58 18.61 9.56 8.50
C GLU A 58 18.63 11.07 8.29
N LEU A 59 18.99 11.51 7.09
CA LEU A 59 19.10 12.93 6.78
C LEU A 59 17.75 13.47 6.35
N ARG A 60 17.20 14.39 7.15
CA ARG A 60 15.98 15.11 6.84
C ARG A 60 16.27 16.59 6.64
N ASP A 61 15.48 17.24 5.79
CA ASP A 61 15.76 18.63 5.42
C ASP A 61 15.54 19.59 6.59
N GLY A 62 14.55 19.32 7.43
CA GLY A 62 14.25 20.19 8.54
C GLY A 62 13.71 21.56 8.17
N ASP A 63 13.23 21.73 6.95
CA ASP A 63 12.56 22.97 6.55
C ASP A 63 11.11 22.89 6.99
N LYS A 64 10.76 23.63 8.05
CA LYS A 64 9.42 23.47 8.62
C LYS A 64 8.30 23.89 7.66
N THR A 65 8.61 24.56 6.55
CA THR A 65 7.58 24.95 5.60
C THR A 65 7.34 23.91 4.50
N GLN A 66 8.10 22.82 4.49
CA GLN A 66 7.99 21.80 3.46
C GLN A 66 7.89 20.44 4.13
N TRP A 67 6.76 19.76 3.92
CA TRP A 67 6.52 18.43 4.49
C TRP A 67 6.72 18.42 6.00
N GLY A 68 6.43 19.54 6.66
CA GLY A 68 6.63 19.63 8.10
C GLY A 68 8.05 19.36 8.53
N GLY A 69 9.03 19.66 7.68
CA GLY A 69 10.43 19.44 7.99
C GLY A 69 10.96 18.09 7.57
N LYS A 70 10.13 17.23 6.97
CA LYS A 70 10.51 15.85 6.69
C LYS A 70 10.99 15.64 5.26
N GLY A 71 11.39 16.70 4.57
CA GLY A 71 11.90 16.53 3.22
C GLY A 71 13.19 15.74 3.18
N VAL A 72 13.49 15.18 2.01
CA VAL A 72 14.73 14.43 1.81
C VAL A 72 15.49 14.97 0.61
N LEU A 73 15.27 16.25 0.29
CA LEU A 73 15.95 16.84 -0.87
C LEU A 73 17.46 16.84 -0.70
N LYS A 74 17.94 17.03 0.54
CA LYS A 74 19.38 17.05 0.79
C LYS A 74 19.97 15.64 0.65
N ALA A 75 19.27 14.63 1.15
CA ALA A 75 19.73 13.26 0.95
C ALA A 75 19.74 12.89 -0.52
N VAL A 76 18.68 13.24 -1.25
CA VAL A 76 18.62 13.00 -2.69
C VAL A 76 19.77 13.71 -3.39
N LYS A 77 20.01 14.97 -3.03
CA LYS A 77 21.12 15.72 -3.62
C LYS A 77 22.46 15.04 -3.37
N ASN A 78 22.65 14.50 -2.16
CA ASN A 78 23.90 13.82 -1.85
C ASN A 78 24.12 12.61 -2.77
N VAL A 79 23.03 11.92 -3.14
CA VAL A 79 23.17 10.80 -4.08
C VAL A 79 23.54 11.30 -5.46
N ASN A 80 22.83 12.34 -5.95
CA ASN A 80 23.02 12.78 -7.33
C ASN A 80 24.35 13.49 -7.52
N GLU A 81 24.80 14.27 -6.53
CA GLU A 81 25.98 15.11 -6.69
C GLU A 81 27.26 14.53 -6.11
N THR A 82 27.16 13.71 -5.06
CA THR A 82 28.35 13.21 -4.37
C THR A 82 28.52 11.71 -4.52
N ILE A 83 27.56 10.90 -4.04
CA ILE A 83 27.71 9.45 -4.09
C ILE A 83 27.72 8.94 -5.52
N GLY A 84 26.71 9.32 -6.30
CA GLY A 84 26.56 8.87 -7.66
C GLY A 84 27.80 9.06 -8.53
N PRO A 85 28.29 10.30 -8.66
CA PRO A 85 29.49 10.52 -9.47
C PRO A 85 30.74 9.87 -8.90
N ALA A 86 30.86 9.76 -7.57
CA ALA A 86 32.04 9.14 -6.99
C ALA A 86 32.07 7.64 -7.24
N LEU A 87 30.91 6.97 -7.10
CA LEU A 87 30.88 5.52 -7.25
C LEU A 87 31.11 5.11 -8.71
N ILE A 88 30.54 5.86 -9.65
CA ILE A 88 30.76 5.56 -11.06
C ILE A 88 32.24 5.66 -11.40
N LYS A 89 32.88 6.76 -10.99
CA LYS A 89 34.30 6.96 -11.26
C LYS A 89 35.15 5.87 -10.64
N GLU A 90 34.78 5.42 -9.43
CA GLU A 90 35.53 4.35 -8.78
C GLU A 90 35.48 3.06 -9.58
N ASN A 91 34.38 2.83 -10.30
CA ASN A 91 34.19 1.66 -11.15
C ASN A 91 34.42 0.36 -10.36
N ILE A 92 33.50 0.10 -9.45
CA ILE A 92 33.48 -1.13 -8.68
C ILE A 92 32.50 -2.11 -9.33
N ASP A 93 32.92 -3.37 -9.44
CA ASP A 93 32.03 -4.43 -9.89
C ASP A 93 30.77 -4.45 -9.03
N VAL A 94 29.61 -4.30 -9.68
CA VAL A 94 28.36 -4.21 -8.93
C VAL A 94 28.04 -5.51 -8.20
N LYS A 95 28.68 -6.63 -8.56
CA LYS A 95 28.49 -7.87 -7.84
C LYS A 95 29.23 -7.91 -6.51
N ASP A 96 30.27 -7.08 -6.35
CA ASP A 96 31.07 -7.07 -5.13
C ASP A 96 30.43 -6.11 -4.14
N GLN A 97 29.36 -6.60 -3.50
CA GLN A 97 28.58 -5.76 -2.60
C GLN A 97 29.42 -5.21 -1.45
N SER A 98 30.30 -6.04 -0.88
N SER A 98 30.30 -6.04 -0.89
CA SER A 98 31.12 -5.59 0.24
CA SER A 98 31.12 -5.59 0.24
C SER A 98 32.04 -4.44 -0.18
C SER A 98 32.04 -4.44 -0.18
N LYS A 99 32.59 -4.50 -1.39
CA LYS A 99 33.45 -3.43 -1.88
C LYS A 99 32.64 -2.14 -2.08
N VAL A 100 31.45 -2.26 -2.66
CA VAL A 100 30.58 -1.10 -2.84
C VAL A 100 30.30 -0.42 -1.51
N ASP A 101 29.84 -1.20 -0.53
CA ASP A 101 29.44 -0.62 0.75
C ASP A 101 30.63 -0.09 1.52
N GLU A 102 31.79 -0.75 1.41
CA GLU A 102 33.01 -0.18 1.97
C GLU A 102 33.31 1.18 1.38
N PHE A 103 33.12 1.34 0.06
CA PHE A 103 33.34 2.64 -0.56
C PHE A 103 32.31 3.67 -0.12
N LEU A 104 31.05 3.24 0.05
CA LEU A 104 30.02 4.16 0.50
C LEU A 104 30.32 4.70 1.89
N ASN A 105 30.73 3.81 2.80
CA ASN A 105 31.04 4.24 4.16
C ASN A 105 32.30 5.11 4.19
N LYS A 106 33.29 4.78 3.35
CA LYS A 106 34.47 5.63 3.23
C LYS A 106 34.09 7.01 2.71
N LEU A 107 33.14 7.07 1.78
CA LEU A 107 32.67 8.33 1.25
C LEU A 107 32.01 9.17 2.33
N ASP A 108 31.23 8.53 3.20
CA ASP A 108 30.57 9.25 4.29
C ASP A 108 31.55 9.59 5.40
N GLY A 109 32.25 8.59 5.93
CA GLY A 109 33.30 8.80 6.90
C GLY A 109 32.88 8.90 8.35
N THR A 110 31.58 8.85 8.64
CA THR A 110 31.10 8.95 10.00
C THR A 110 30.52 7.62 10.45
N ALA A 111 30.56 7.38 11.76
CA ALA A 111 30.06 6.13 12.31
C ALA A 111 28.56 5.98 12.10
N ASN A 112 27.80 7.06 12.31
CA ASN A 112 26.34 7.01 12.21
C ASN A 112 25.83 7.43 10.84
N LYS A 113 26.72 7.58 9.86
CA LYS A 113 26.35 7.98 8.48
C LYS A 113 25.66 9.34 8.45
N SER A 114 26.13 10.27 9.28
CA SER A 114 25.50 11.59 9.38
C SER A 114 26.01 12.59 8.35
N ASN A 115 27.13 12.32 7.68
CA ASN A 115 27.59 13.22 6.64
C ASN A 115 26.66 13.19 5.43
N LEU A 116 26.51 12.02 4.81
CA LEU A 116 25.72 11.89 3.59
C LEU A 116 24.29 11.46 3.84
N GLY A 117 24.00 10.89 5.01
CA GLY A 117 22.66 10.41 5.30
C GLY A 117 22.54 8.92 5.16
N ALA A 118 22.02 8.25 6.20
CA ALA A 118 21.81 6.81 6.12
C ALA A 118 20.81 6.46 5.01
N ASN A 119 19.83 7.34 4.77
CA ASN A 119 18.87 7.06 3.71
C ASN A 119 19.52 7.21 2.32
N ALA A 120 20.44 8.16 2.18
CA ALA A 120 21.16 8.29 0.91
C ALA A 120 22.07 7.09 0.64
N ILE A 121 22.78 6.63 1.67
CA ILE A 121 23.72 5.53 1.49
C ILE A 121 22.98 4.23 1.22
N LEU A 122 21.94 3.94 2.01
CA LEU A 122 21.22 2.68 1.85
C LEU A 122 20.56 2.58 0.49
N GLY A 123 19.96 3.67 0.02
CA GLY A 123 19.33 3.66 -1.30
C GLY A 123 20.27 3.21 -2.40
N VAL A 124 21.51 3.70 -2.37
CA VAL A 124 22.50 3.26 -3.35
C VAL A 124 22.93 1.83 -3.06
N SER A 125 23.07 1.48 -1.78
CA SER A 125 23.50 0.13 -1.42
C SER A 125 22.53 -0.92 -1.94
N LEU A 126 21.22 -0.69 -1.79
CA LEU A 126 20.23 -1.68 -2.20
C LEU A 126 20.06 -1.70 -3.72
N ALA A 127 20.09 -0.55 -4.37
CA ALA A 127 19.94 -0.52 -5.82
C ALA A 127 21.12 -1.19 -6.51
N VAL A 128 22.32 -1.02 -5.95
CA VAL A 128 23.50 -1.69 -6.49
C VAL A 128 23.40 -3.20 -6.28
N ALA A 129 22.85 -3.63 -5.14
CA ALA A 129 22.66 -5.06 -4.91
C ALA A 129 21.77 -5.68 -5.97
N LYS A 130 20.71 -4.97 -6.38
CA LYS A 130 19.85 -5.47 -7.44
C LYS A 130 20.58 -5.47 -8.79
N ALA A 131 21.43 -4.47 -9.03
CA ALA A 131 22.26 -4.48 -10.23
C ALA A 131 23.26 -5.64 -10.19
N GLY A 132 23.79 -5.95 -8.99
CA GLY A 132 24.71 -7.05 -8.86
C GLY A 132 24.08 -8.39 -9.13
N ALA A 133 22.88 -8.62 -8.60
CA ALA A 133 22.15 -9.85 -8.88
C ALA A 133 21.86 -9.98 -10.38
N ALA A 134 21.41 -8.89 -11.00
CA ALA A 134 21.04 -8.92 -12.41
C ALA A 134 22.24 -9.23 -13.30
N GLU A 135 23.42 -8.70 -12.96
CA GLU A 135 24.62 -9.07 -13.71
C GLU A 135 24.93 -10.55 -13.54
N LYS A 136 24.58 -11.14 -12.39
CA LYS A 136 24.72 -12.58 -12.22
C LYS A 136 23.65 -13.37 -12.96
N GLY A 137 22.56 -12.71 -13.36
CA GLY A 137 21.44 -13.42 -13.94
C GLY A 137 20.65 -14.24 -12.94
N VAL A 138 20.60 -13.80 -11.68
CA VAL A 138 19.84 -14.51 -10.65
C VAL A 138 18.95 -13.51 -9.93
N PRO A 139 17.90 -13.99 -9.27
CA PRO A 139 17.09 -13.08 -8.45
C PRO A 139 17.89 -12.58 -7.26
N LEU A 140 17.41 -11.48 -6.69
CA LEU A 140 18.14 -10.86 -5.58
C LEU A 140 18.33 -11.83 -4.40
N TYR A 141 17.31 -12.64 -4.09
CA TYR A 141 17.44 -13.53 -2.94
C TYR A 141 18.59 -14.51 -3.12
N ALA A 142 18.81 -14.96 -4.35
CA ALA A 142 19.94 -15.86 -4.61
C ALA A 142 21.26 -15.13 -4.46
N HIS A 143 21.34 -13.89 -4.94
CA HIS A 143 22.52 -13.06 -4.76
C HIS A 143 22.81 -12.85 -3.28
N ILE A 144 21.77 -12.61 -2.50
CA ILE A 144 21.97 -12.38 -1.07
C ILE A 144 22.41 -13.65 -0.36
N SER A 145 21.88 -14.80 -0.79
CA SER A 145 22.36 -16.06 -0.23
C SER A 145 23.84 -16.25 -0.50
N ASP A 146 24.29 -15.92 -1.72
CA ASP A 146 25.72 -15.92 -2.02
C ASP A 146 26.47 -15.01 -1.07
N LEU A 147 26.01 -13.77 -0.92
CA LEU A 147 26.67 -12.82 -0.05
C LEU A 147 26.68 -13.31 1.40
N ALA A 148 25.60 -13.93 1.84
CA ALA A 148 25.49 -14.33 3.24
C ALA A 148 26.08 -15.70 3.54
N GLY A 149 26.34 -16.50 2.51
CA GLY A 149 26.86 -17.84 2.72
C GLY A 149 25.86 -18.83 3.24
N THR A 150 24.57 -18.61 2.98
CA THR A 150 23.52 -19.49 3.51
C THR A 150 23.29 -20.66 2.55
N LYS A 151 22.98 -21.82 3.12
CA LYS A 151 22.87 -23.05 2.35
C LYS A 151 21.51 -23.18 1.68
N LYS A 152 21.39 -24.18 0.82
CA LYS A 152 20.19 -24.57 0.12
C LYS A 152 19.56 -25.78 0.79
N PRO A 153 18.27 -26.08 0.52
CA PRO A 153 17.33 -25.32 -0.30
C PRO A 153 16.98 -23.98 0.33
N TYR A 154 16.35 -23.11 -0.44
CA TYR A 154 15.89 -21.86 0.13
C TYR A 154 14.78 -22.13 1.14
N VAL A 155 14.69 -21.25 2.14
CA VAL A 155 13.69 -21.33 3.18
C VAL A 155 12.84 -20.08 3.10
N LEU A 156 11.53 -20.28 2.96
CA LEU A 156 10.57 -19.18 2.96
C LEU A 156 10.15 -18.86 4.40
N PRO A 157 9.98 -17.58 4.72
CA PRO A 157 9.80 -17.20 6.12
C PRO A 157 8.37 -17.31 6.61
N VAL A 158 8.24 -17.53 7.91
CA VAL A 158 6.96 -17.42 8.61
C VAL A 158 6.59 -15.95 8.69
N PRO A 159 5.42 -15.56 8.19
CA PRO A 159 4.98 -14.15 8.31
C PRO A 159 4.47 -13.86 9.71
N PHE A 160 5.13 -12.96 10.42
CA PHE A 160 4.68 -12.47 11.72
C PHE A 160 3.80 -11.25 11.48
N GLN A 161 2.48 -11.43 11.60
CA GLN A 161 1.51 -10.49 11.05
C GLN A 161 0.88 -9.68 12.18
N ASN A 162 1.16 -8.37 12.17
CA ASN A 162 0.70 -7.45 13.21
C ASN A 162 -0.75 -7.04 12.91
N VAL A 163 -1.68 -7.91 13.31
CA VAL A 163 -3.09 -7.73 12.98
C VAL A 163 -3.83 -6.84 13.97
N LEU A 164 -3.26 -6.57 15.14
CA LEU A 164 -3.89 -5.72 16.12
C LEU A 164 -2.83 -4.73 16.59
N ASN A 165 -2.97 -3.47 16.15
CA ASN A 165 -1.97 -2.44 16.39
C ASN A 165 -2.26 -1.71 17.69
N GLY A 166 -1.20 -1.45 18.46
CA GLY A 166 -1.34 -0.77 19.74
C GLY A 166 -0.26 0.29 19.95
N GLY A 167 -0.10 0.74 21.19
CA GLY A 167 0.92 1.70 21.54
C GLY A 167 0.74 3.07 20.92
N LEU A 174 -4.09 0.40 25.31
CA LEU A 174 -3.13 -0.49 25.95
C LEU A 174 -1.69 -0.12 25.60
N ALA A 175 -0.76 -0.55 26.45
CA ALA A 175 0.63 -0.15 26.31
C ALA A 175 1.30 -0.86 25.13
N PHE A 176 1.05 -2.16 24.96
CA PHE A 176 1.84 -2.96 24.03
C PHE A 176 1.57 -2.54 22.59
N GLN A 177 2.63 -2.53 21.79
CA GLN A 177 2.58 -1.91 20.47
C GLN A 177 2.02 -2.84 19.40
N GLU A 178 2.44 -4.10 19.37
CA GLU A 178 2.09 -4.98 18.24
C GLU A 178 1.63 -6.34 18.75
N PHE A 179 0.50 -6.81 18.24
CA PHE A 179 0.02 -8.17 18.52
C PHE A 179 -0.05 -8.93 17.21
N MET A 180 0.78 -9.96 17.08
CA MET A 180 0.98 -10.65 15.82
C MET A 180 0.46 -12.07 15.89
N ILE A 181 -0.06 -12.55 14.75
CA ILE A 181 -0.38 -13.96 14.57
C ILE A 181 0.77 -14.60 13.81
N VAL A 182 1.01 -15.87 14.10
CA VAL A 182 2.18 -16.60 13.61
C VAL A 182 1.72 -17.92 13.01
N PRO A 183 1.45 -17.98 11.70
CA PRO A 183 0.97 -19.24 11.11
C PRO A 183 2.12 -20.18 10.78
N ASP A 184 2.67 -20.80 11.81
CA ASP A 184 3.82 -21.69 11.62
C ASP A 184 3.44 -23.13 11.30
N SER A 185 2.23 -23.57 11.65
CA SER A 185 1.85 -24.95 11.39
C SER A 185 1.53 -25.21 9.91
N ALA A 186 1.22 -24.16 9.14
CA ALA A 186 0.78 -24.33 7.77
C ALA A 186 1.83 -25.10 6.96
N PRO A 187 1.39 -25.93 6.00
CA PRO A 187 2.36 -26.76 5.27
C PRO A 187 3.15 -26.00 4.22
N SER A 188 2.73 -24.78 3.87
CA SER A 188 3.42 -23.99 2.87
C SER A 188 3.28 -22.52 3.24
N PHE A 189 4.12 -21.69 2.63
CA PHE A 189 3.96 -20.25 2.79
C PHE A 189 2.63 -19.77 2.25
N SER A 190 2.23 -20.27 1.07
CA SER A 190 0.96 -19.87 0.47
C SER A 190 -0.21 -20.16 1.40
N GLU A 191 -0.21 -21.33 2.05
CA GLU A 191 -1.31 -21.67 2.95
C GLU A 191 -1.26 -20.83 4.21
N ALA A 192 -0.06 -20.53 4.71
CA ALA A 192 0.07 -19.67 5.87
C ALA A 192 -0.51 -18.29 5.61
N LEU A 193 -0.33 -17.77 4.39
CA LEU A 193 -0.91 -16.48 4.05
C LEU A 193 -2.43 -16.55 4.02
N ARG A 194 -2.98 -17.63 3.44
CA ARG A 194 -4.43 -17.78 3.42
C ARG A 194 -4.99 -17.82 4.84
N GLN A 195 -4.37 -18.62 5.71
CA GLN A 195 -4.81 -18.70 7.10
C GLN A 195 -4.76 -17.33 7.77
N GLY A 196 -3.65 -16.61 7.60
CA GLY A 196 -3.55 -15.27 8.18
C GLY A 196 -4.60 -14.33 7.64
N ALA A 197 -4.82 -14.36 6.33
CA ALA A 197 -5.84 -13.51 5.72
C ALA A 197 -7.22 -13.82 6.28
N GLU A 198 -7.54 -15.11 6.46
CA GLU A 198 -8.85 -15.50 6.97
C GLU A 198 -9.03 -15.12 8.43
N VAL A 199 -7.98 -15.31 9.24
CA VAL A 199 -8.04 -14.87 10.63
C VAL A 199 -8.24 -13.35 10.71
N TYR A 200 -7.46 -12.61 9.91
CA TYR A 200 -7.57 -11.15 9.91
C TYR A 200 -9.00 -10.69 9.59
N GLN A 201 -9.65 -11.35 8.63
CA GLN A 201 -11.01 -10.96 8.28
C GLN A 201 -11.98 -11.23 9.43
N LYS A 202 -11.83 -12.37 10.11
CA LYS A 202 -12.64 -12.61 11.31
C LYS A 202 -12.36 -11.56 12.37
N LEU A 203 -11.09 -11.22 12.58
CA LEU A 203 -10.72 -10.25 13.60
C LEU A 203 -11.35 -8.89 13.33
N LYS A 204 -11.30 -8.44 12.08
CA LYS A 204 -11.83 -7.13 11.74
C LYS A 204 -13.34 -7.07 12.00
N ALA A 205 -14.07 -8.10 11.59
CA ALA A 205 -15.50 -8.17 11.90
C ALA A 205 -15.72 -8.16 13.41
N LEU A 206 -14.96 -8.98 14.14
CA LEU A 206 -15.06 -9.04 15.59
C LEU A 206 -14.79 -7.69 16.24
N ALA A 207 -13.77 -6.97 15.77
CA ALA A 207 -13.46 -5.66 16.33
C ALA A 207 -14.63 -4.69 16.13
N LYS A 208 -15.24 -4.72 14.95
CA LYS A 208 -16.38 -3.85 14.70
C LYS A 208 -17.57 -4.23 15.58
N LYS A 209 -17.84 -5.52 15.72
CA LYS A 209 -18.97 -5.98 16.51
C LYS A 209 -18.85 -5.56 17.96
N LYS A 210 -17.70 -5.83 18.58
CA LYS A 210 -17.54 -5.61 20.00
C LYS A 210 -17.20 -4.16 20.36
N TYR A 211 -16.65 -3.38 19.42
CA TYR A 211 -16.17 -2.05 19.75
C TYR A 211 -16.67 -0.94 18.83
N GLY A 212 -17.52 -1.24 17.86
CA GLY A 212 -18.06 -0.21 17.00
C GLY A 212 -17.38 -0.17 15.64
N GLN A 213 -18.05 0.51 14.70
CA GLN A 213 -17.59 0.51 13.32
C GLN A 213 -16.19 1.12 13.19
N SER A 214 -15.87 2.12 14.02
CA SER A 214 -14.58 2.80 13.91
C SER A 214 -13.42 1.87 14.24
N ALA A 215 -13.66 0.83 15.04
CA ALA A 215 -12.58 -0.08 15.43
C ALA A 215 -12.08 -0.90 14.24
N GLY A 216 -12.78 -0.88 13.11
CA GLY A 216 -12.31 -1.56 11.92
C GLY A 216 -11.31 -0.79 11.10
N ASN A 217 -11.16 0.51 11.36
CA ASN A 217 -10.10 1.28 10.72
C ASN A 217 -8.74 0.80 11.23
N VAL A 218 -7.70 1.09 10.46
CA VAL A 218 -6.43 0.40 10.68
C VAL A 218 -5.35 1.37 11.11
N GLY A 219 -4.35 0.83 11.81
CA GLY A 219 -3.16 1.58 12.16
C GLY A 219 -2.17 1.63 11.01
N ASP A 220 -0.95 2.08 11.33
CA ASP A 220 0.07 2.30 10.32
C ASP A 220 0.43 1.04 9.57
N GLU A 221 0.39 -0.12 10.24
CA GLU A 221 0.80 -1.37 9.62
C GLU A 221 -0.37 -2.24 9.20
N GLY A 222 -1.59 -1.69 9.18
CA GLY A 222 -2.74 -2.40 8.64
C GLY A 222 -3.52 -3.23 9.62
N GLY A 223 -3.11 -3.29 10.89
CA GLY A 223 -3.90 -3.98 11.89
C GLY A 223 -5.01 -3.09 12.43
N VAL A 224 -6.02 -3.73 13.02
CA VAL A 224 -7.08 -2.97 13.68
C VAL A 224 -6.56 -2.43 14.99
N ALA A 225 -7.09 -1.29 15.40
CA ALA A 225 -6.66 -0.61 16.63
C ALA A 225 -7.87 -0.22 17.47
N PRO A 226 -8.60 -1.21 18.00
CA PRO A 226 -9.73 -0.90 18.87
C PRO A 226 -9.25 -0.23 20.15
N ASP A 227 -10.17 0.47 20.81
CA ASP A 227 -9.86 1.18 22.04
C ASP A 227 -9.96 0.20 23.21
N ILE A 228 -8.85 -0.48 23.50
CA ILE A 228 -8.84 -1.53 24.51
C ILE A 228 -7.76 -1.20 25.54
N GLN A 229 -7.92 -1.79 26.73
CA GLN A 229 -7.16 -1.39 27.91
C GLN A 229 -6.00 -2.34 28.25
N THR A 230 -6.21 -3.65 28.16
CA THR A 230 -5.20 -4.59 28.65
C THR A 230 -4.71 -5.51 27.54
N ALA A 231 -3.53 -6.08 27.76
CA ALA A 231 -2.99 -7.06 26.82
C ALA A 231 -3.90 -8.27 26.70
N GLU A 232 -4.48 -8.70 27.83
CA GLU A 232 -5.37 -9.86 27.81
C GLU A 232 -6.59 -9.61 26.95
N GLU A 233 -7.07 -8.36 26.87
CA GLU A 233 -8.20 -8.06 25.98
C GLU A 233 -7.81 -8.23 24.51
N ALA A 234 -6.63 -7.74 24.13
CA ALA A 234 -6.19 -7.90 22.75
C ALA A 234 -5.98 -9.37 22.42
N LEU A 235 -5.35 -10.12 23.32
CA LEU A 235 -5.08 -11.54 23.08
C LEU A 235 -6.36 -12.35 23.00
N ASP A 236 -7.36 -12.01 23.82
CA ASP A 236 -8.64 -12.71 23.76
C ASP A 236 -9.30 -12.49 22.41
N LEU A 237 -9.25 -11.25 21.89
CA LEU A 237 -9.87 -10.97 20.60
C LEU A 237 -9.18 -11.74 19.49
N ILE A 238 -7.84 -11.79 19.51
CA ILE A 238 -7.11 -12.58 18.53
C ILE A 238 -7.42 -14.06 18.69
N THR A 239 -7.50 -14.53 19.94
CA THR A 239 -7.81 -15.94 20.19
C THR A 239 -9.17 -16.32 19.61
N GLU A 240 -10.18 -15.45 19.79
CA GLU A 240 -11.50 -15.73 19.26
C GLU A 240 -11.51 -15.73 17.73
N ALA A 241 -10.76 -14.82 17.12
CA ALA A 241 -10.69 -14.76 15.66
C ALA A 241 -10.04 -16.01 15.09
N ILE A 242 -9.01 -16.53 15.77
CA ILE A 242 -8.36 -17.75 15.32
C ILE A 242 -9.33 -18.92 15.39
N GLU A 243 -10.18 -18.94 16.42
CA GLU A 243 -11.15 -20.02 16.56
C GLU A 243 -12.28 -19.89 15.54
N GLN A 244 -12.77 -18.67 15.30
CA GLN A 244 -13.79 -18.49 14.27
C GLN A 244 -13.28 -18.95 12.90
N ALA A 245 -12.01 -18.67 12.61
CA ALA A 245 -11.40 -19.13 11.35
C ALA A 245 -11.09 -20.61 11.36
N GLY A 246 -11.15 -21.27 12.52
CA GLY A 246 -10.94 -22.70 12.59
C GLY A 246 -9.49 -23.15 12.72
N TYR A 247 -8.59 -22.27 13.15
CA TYR A 247 -7.17 -22.60 13.17
C TYR A 247 -6.59 -22.64 14.58
N THR A 248 -7.41 -22.86 15.60
CA THR A 248 -6.88 -22.94 16.96
C THR A 248 -5.87 -24.07 17.07
N GLY A 249 -4.71 -23.76 17.62
CA GLY A 249 -3.63 -24.71 17.72
C GLY A 249 -2.69 -24.73 16.52
N LYS A 250 -3.12 -24.16 15.38
CA LYS A 250 -2.26 -24.07 14.22
C LYS A 250 -1.58 -22.71 14.09
N ILE A 251 -2.07 -21.70 14.80
CA ILE A 251 -1.56 -20.34 14.69
C ILE A 251 -1.13 -19.87 16.07
N LYS A 252 0.12 -19.42 16.18
CA LYS A 252 0.66 -18.94 17.43
C LYS A 252 0.52 -17.42 17.49
N ILE A 253 1.02 -16.83 18.58
CA ILE A 253 0.93 -15.41 18.81
C ILE A 253 2.32 -14.88 19.13
N ALA A 254 2.60 -13.66 18.68
CA ALA A 254 3.82 -12.94 19.03
C ALA A 254 3.44 -11.51 19.39
N MET A 255 4.27 -10.87 20.23
CA MET A 255 4.06 -9.49 20.63
C MET A 255 5.32 -8.68 20.41
N ASP A 256 5.12 -7.41 20.04
CA ASP A 256 6.14 -6.38 20.19
C ASP A 256 5.65 -5.43 21.27
N VAL A 257 6.25 -5.55 22.46
CA VAL A 257 5.90 -4.68 23.57
C VAL A 257 6.34 -3.24 23.29
N ALA A 258 7.51 -3.07 22.67
CA ALA A 258 8.10 -1.74 22.45
C ALA A 258 8.21 -0.98 23.76
N SER A 259 8.72 -1.66 24.79
CA SER A 259 8.66 -1.16 26.16
C SER A 259 9.48 0.11 26.36
N SER A 260 10.41 0.42 25.46
CA SER A 260 11.12 1.69 25.57
C SER A 260 10.16 2.87 25.55
N GLU A 261 8.99 2.69 24.93
CA GLU A 261 8.00 3.77 24.87
C GLU A 261 7.44 4.13 26.24
N PHE A 262 7.46 3.20 27.19
CA PHE A 262 6.88 3.51 28.51
C PHE A 262 7.84 3.21 29.66
N TYR A 263 9.14 3.16 29.40
CA TYR A 263 10.12 3.05 30.47
C TYR A 263 10.42 4.42 31.06
N LYS A 264 10.40 4.52 32.38
CA LYS A 264 10.77 5.73 33.10
C LYS A 264 12.11 5.45 33.76
N ALA A 265 13.20 5.76 33.04
CA ALA A 265 14.53 5.42 33.52
C ALA A 265 14.89 6.11 34.82
N ASP A 266 14.27 7.26 35.11
CA ASP A 266 14.54 7.98 36.34
C ASP A 266 14.29 7.12 37.57
N VAL A 267 13.19 6.36 37.56
CA VAL A 267 12.78 5.55 38.71
C VAL A 267 12.92 4.05 38.45
N LYS A 268 13.33 3.65 37.24
CA LYS A 268 13.44 2.24 36.86
C LYS A 268 12.11 1.52 37.03
N LYS A 269 11.09 2.05 36.38
CA LYS A 269 9.77 1.44 36.40
C LYS A 269 9.11 1.61 35.04
N TYR A 270 8.19 0.70 34.72
CA TYR A 270 7.49 0.69 33.45
C TYR A 270 6.03 1.06 33.66
N ASP A 271 5.55 2.04 32.90
CA ASP A 271 4.22 2.59 33.07
C ASP A 271 3.30 2.01 31.99
N LEU A 272 2.54 0.97 32.35
CA LEU A 272 1.62 0.37 31.40
C LEU A 272 0.44 1.29 31.07
N ASP A 273 0.13 2.24 31.95
CA ASP A 273 -0.86 3.26 31.62
C ASP A 273 -0.13 4.57 31.33
N PHE A 274 0.77 4.55 30.36
CA PHE A 274 1.52 5.75 29.99
C PHE A 274 0.76 6.64 29.01
N LYS A 275 -0.52 6.37 28.77
CA LYS A 275 -1.36 7.23 27.94
C LYS A 275 -2.18 8.22 28.75
N ASN A 276 -2.63 7.83 29.95
CA ASN A 276 -3.39 8.73 30.81
C ASN A 276 -2.44 9.41 31.79
N PRO A 277 -2.36 10.75 31.81
CA PRO A 277 -1.49 11.46 32.75
C PRO A 277 -1.95 11.28 34.19
N PRO A 281 0.38 6.67 38.13
CA PRO A 281 0.17 6.45 39.56
C PRO A 281 1.14 5.44 40.16
N SER A 282 0.69 4.71 41.18
CA SER A 282 1.48 3.64 41.79
C SER A 282 1.39 2.33 41.03
N LYS A 283 0.74 2.33 39.87
CA LYS A 283 0.64 1.16 39.00
C LYS A 283 1.81 1.08 38.02
N TRP A 284 3.02 1.39 38.48
CA TRP A 284 4.22 1.30 37.67
C TRP A 284 5.00 0.07 38.09
N LEU A 285 5.43 -0.72 37.10
CA LEU A 285 6.03 -2.01 37.36
C LEU A 285 7.55 -1.92 37.34
N THR A 286 8.19 -2.56 38.31
CA THR A 286 9.59 -2.90 38.17
C THR A 286 9.75 -3.92 37.05
N TYR A 287 11.00 -4.16 36.65
CA TYR A 287 11.21 -5.13 35.58
C TYR A 287 10.91 -6.54 36.05
N GLU A 288 11.07 -6.81 37.35
CA GLU A 288 10.63 -8.09 37.89
C GLU A 288 9.12 -8.23 37.81
N GLN A 289 8.39 -7.13 38.07
CA GLN A 289 6.93 -7.18 37.99
C GLN A 289 6.47 -7.29 36.55
N LEU A 290 7.11 -6.56 35.64
CA LEU A 290 6.77 -6.69 34.23
C LEU A 290 7.09 -8.10 33.72
N ALA A 291 8.21 -8.67 34.15
CA ALA A 291 8.55 -10.03 33.77
C ALA A 291 7.50 -11.02 34.27
N ASP A 292 6.92 -10.77 35.44
CA ASP A 292 5.82 -11.61 35.93
C ASP A 292 4.65 -11.58 34.97
N LEU A 293 4.33 -10.41 34.43
CA LEU A 293 3.22 -10.29 33.49
C LEU A 293 3.47 -11.08 32.21
N TYR A 294 4.68 -10.99 31.65
CA TYR A 294 5.00 -11.76 30.46
C TYR A 294 4.88 -13.26 30.73
N LYS A 295 5.35 -13.71 31.89
CA LYS A 295 5.29 -15.13 32.22
C LYS A 295 3.87 -15.60 32.38
N SER A 296 3.01 -14.79 33.02
CA SER A 296 1.61 -15.14 33.12
C SER A 296 0.97 -15.21 31.73
N LEU A 297 1.28 -14.24 30.87
CA LEU A 297 0.71 -14.23 29.53
C LEU A 297 1.19 -15.43 28.71
N ALA A 298 2.48 -15.75 28.79
CA ALA A 298 3.02 -16.84 27.98
C ALA A 298 2.52 -18.20 28.43
N ALA A 299 2.15 -18.32 29.70
CA ALA A 299 1.63 -19.59 30.21
C ALA A 299 0.16 -19.79 29.91
N LYS A 300 -0.56 -18.71 29.55
CA LYS A 300 -1.98 -18.78 29.23
C LYS A 300 -2.25 -18.82 27.73
N TYR A 301 -1.50 -18.06 26.93
CA TYR A 301 -1.68 -17.96 25.50
C TYR A 301 -0.49 -18.59 24.77
N PRO A 302 -0.66 -18.98 23.51
CA PRO A 302 0.46 -19.58 22.76
C PRO A 302 1.42 -18.52 22.21
N ILE A 303 2.02 -17.77 23.13
CA ILE A 303 2.96 -16.71 22.79
C ILE A 303 4.33 -17.34 22.58
N VAL A 304 4.84 -17.25 21.35
CA VAL A 304 6.11 -17.89 21.01
C VAL A 304 7.24 -16.89 20.82
N SER A 305 6.97 -15.59 20.84
CA SER A 305 8.00 -14.58 20.60
C SER A 305 7.55 -13.27 21.22
N ILE A 306 8.46 -12.59 21.93
CA ILE A 306 8.21 -11.29 22.51
C ILE A 306 9.37 -10.36 22.15
N GLU A 307 9.05 -9.22 21.57
CA GLU A 307 10.02 -8.24 21.10
C GLU A 307 10.06 -7.06 22.06
N ASP A 308 11.26 -6.55 22.30
CA ASP A 308 11.56 -5.46 23.23
C ASP A 308 10.76 -5.56 24.53
N PRO A 309 10.81 -6.69 25.23
CA PRO A 309 10.13 -6.77 26.53
C PRO A 309 10.65 -5.76 27.54
N PHE A 310 11.86 -5.26 27.37
CA PHE A 310 12.46 -4.29 28.28
C PHE A 310 13.16 -3.23 27.46
N ALA A 311 13.54 -2.14 28.13
CA ALA A 311 13.97 -0.94 27.43
C ALA A 311 15.33 -1.12 26.76
N GLU A 312 15.64 -0.18 25.87
CA GLU A 312 16.78 -0.33 24.96
C GLU A 312 18.13 -0.35 25.68
N ASP A 313 18.19 0.14 26.92
CA ASP A 313 19.43 0.05 27.69
C ASP A 313 19.21 -0.55 29.08
N ASP A 314 18.11 -1.27 29.27
CA ASP A 314 17.86 -2.00 30.52
C ASP A 314 18.41 -3.41 30.41
N TRP A 315 19.73 -3.49 30.21
CA TRP A 315 20.39 -4.77 29.94
C TRP A 315 20.17 -5.77 31.07
N GLU A 316 20.17 -5.27 32.32
CA GLU A 316 19.97 -6.15 33.46
C GLU A 316 18.61 -6.85 33.39
N ALA A 317 17.57 -6.13 32.98
CA ALA A 317 16.24 -6.73 32.88
C ALA A 317 16.20 -7.81 31.81
N TRP A 318 16.78 -7.54 30.64
CA TRP A 318 16.81 -8.52 29.56
C TRP A 318 17.50 -9.81 30.02
N SER A 319 18.68 -9.68 30.62
CA SER A 319 19.43 -10.86 31.04
C SER A 319 18.65 -11.65 32.09
N TYR A 320 17.98 -10.94 32.99
CA TYR A 320 17.13 -11.58 34.00
C TYR A 320 16.03 -12.39 33.34
N PHE A 321 15.41 -11.83 32.29
CA PHE A 321 14.29 -12.48 31.61
C PHE A 321 14.76 -13.63 30.74
N TYR A 322 15.87 -13.46 30.03
CA TYR A 322 16.43 -14.50 29.18
C TYR A 322 16.65 -15.80 29.95
N LYS A 323 17.09 -15.70 31.21
CA LYS A 323 17.49 -16.90 31.95
C LYS A 323 16.34 -17.86 32.19
N THR A 324 15.10 -17.37 32.26
CA THR A 324 13.95 -18.20 32.59
C THR A 324 13.07 -18.55 31.41
N SER A 325 13.29 -17.93 30.25
CA SER A 325 12.33 -17.95 29.15
C SER A 325 12.77 -18.95 28.07
N ASP A 326 11.85 -19.82 27.67
CA ASP A 326 12.11 -20.78 26.62
C ASP A 326 11.55 -20.34 25.25
N PHE A 327 11.02 -19.13 25.16
CA PHE A 327 10.48 -18.63 23.90
C PHE A 327 11.46 -17.62 23.28
N GLN A 328 11.10 -17.15 22.09
CA GLN A 328 11.95 -16.20 21.39
C GLN A 328 11.87 -14.81 22.04
N ILE A 329 13.02 -14.18 22.23
CA ILE A 329 13.14 -12.85 22.83
C ILE A 329 13.89 -11.97 21.84
N VAL A 330 13.17 -11.06 21.19
CA VAL A 330 13.65 -10.35 20.00
C VAL A 330 14.13 -8.96 20.38
N GLY A 331 15.38 -8.64 20.02
CA GLY A 331 15.86 -7.28 20.16
C GLY A 331 15.45 -6.41 18.97
N ASP A 332 14.87 -5.24 19.26
CA ASP A 332 14.59 -4.26 18.22
C ASP A 332 15.30 -2.96 18.57
N ASP A 333 14.75 -2.18 19.50
CA ASP A 333 15.46 -1.01 19.98
C ASP A 333 16.71 -1.38 20.78
N LEU A 334 16.74 -2.59 21.35
CA LEU A 334 17.93 -3.03 22.10
C LEU A 334 19.15 -3.11 21.19
N THR A 335 18.99 -3.72 20.02
CA THR A 335 20.08 -4.09 19.15
C THR A 335 20.26 -3.20 17.93
N VAL A 336 19.20 -2.51 17.49
CA VAL A 336 19.14 -1.66 16.29
C VAL A 336 20.02 -2.15 15.14
N THR A 337 19.96 -3.45 14.83
CA THR A 337 20.66 -4.05 13.69
C THR A 337 22.13 -3.62 13.68
N ASN A 338 22.70 -3.50 14.87
CA ASN A 338 24.05 -2.95 15.04
C ASN A 338 24.97 -4.02 15.59
N PRO A 339 25.98 -4.47 14.84
CA PRO A 339 26.85 -5.56 15.32
C PRO A 339 27.50 -5.29 16.66
N GLY A 340 27.76 -4.01 16.99
CA GLY A 340 28.34 -3.71 18.29
C GLY A 340 27.39 -3.98 19.44
N ARG A 341 26.11 -3.58 19.27
CA ARG A 341 25.11 -3.87 20.30
C ARG A 341 24.76 -5.35 20.33
N ILE A 342 24.80 -6.02 19.18
CA ILE A 342 24.54 -7.46 19.15
C ILE A 342 25.61 -8.20 19.94
N LYS A 343 26.87 -7.79 19.80
CA LYS A 343 27.95 -8.39 20.56
C LYS A 343 27.72 -8.25 22.06
N LYS A 344 27.30 -7.07 22.50
CA LYS A 344 27.00 -6.87 23.92
C LYS A 344 25.83 -7.75 24.37
N ALA A 345 24.79 -7.86 23.54
CA ALA A 345 23.65 -8.70 23.91
C ALA A 345 24.02 -10.17 23.97
N ILE A 346 24.97 -10.61 23.13
CA ILE A 346 25.46 -11.97 23.21
C ILE A 346 26.24 -12.18 24.50
N GLU A 347 27.17 -11.27 24.81
CA GLU A 347 28.01 -11.41 25.99
C GLU A 347 27.20 -11.40 27.27
N LEU A 348 26.19 -10.52 27.36
CA LEU A 348 25.35 -10.45 28.54
C LEU A 348 24.17 -11.43 28.51
N LYS A 349 24.02 -12.20 27.44
CA LYS A 349 22.90 -13.13 27.27
C LYS A 349 21.57 -12.44 27.49
N SER A 350 21.34 -11.38 26.71
CA SER A 350 20.18 -10.51 26.88
C SER A 350 19.00 -10.89 25.99
N CYS A 351 19.25 -11.42 24.79
CA CYS A 351 18.17 -11.83 23.90
C CYS A 351 18.66 -13.00 23.04
N ASN A 352 17.74 -13.59 22.28
CA ASN A 352 18.07 -14.74 21.44
C ASN A 352 17.54 -14.58 20.02
N ALA A 353 17.16 -13.38 19.62
CA ALA A 353 16.73 -13.11 18.26
C ALA A 353 16.96 -11.64 17.94
N LEU A 354 17.23 -11.37 16.67
CA LEU A 354 17.45 -10.03 16.15
C LEU A 354 16.31 -9.64 15.23
N LEU A 355 15.74 -8.46 15.44
CA LEU A 355 14.90 -7.83 14.43
C LEU A 355 15.82 -7.05 13.49
N LEU A 356 15.83 -7.43 12.22
CA LEU A 356 16.79 -6.90 11.26
C LEU A 356 16.11 -5.83 10.41
N LYS A 357 16.49 -4.57 10.65
CA LYS A 357 16.03 -3.41 9.89
C LYS A 357 17.25 -2.85 9.14
N VAL A 358 17.29 -3.06 7.83
CA VAL A 358 18.47 -2.66 7.06
C VAL A 358 18.77 -1.17 7.20
N ASN A 359 17.74 -0.33 7.31
CA ASN A 359 17.99 1.10 7.41
C ASN A 359 18.36 1.54 8.83
N GLN A 360 18.42 0.63 9.80
CA GLN A 360 18.97 0.98 11.10
C GLN A 360 20.49 1.01 11.07
N ILE A 361 21.12 0.38 10.07
CA ILE A 361 22.58 0.33 10.02
C ILE A 361 23.08 0.99 8.74
N GLY A 362 22.34 0.87 7.64
CA GLY A 362 22.54 1.73 6.49
C GLY A 362 23.15 1.12 5.25
N THR A 363 23.72 -0.09 5.30
CA THR A 363 24.16 -0.77 4.10
C THR A 363 23.70 -2.22 4.13
N LEU A 364 23.62 -2.82 2.93
CA LEU A 364 23.29 -4.24 2.87
C LEU A 364 24.37 -5.08 3.54
N THR A 365 25.65 -4.70 3.37
CA THR A 365 26.73 -5.53 3.88
C THR A 365 26.73 -5.57 5.40
N GLU A 366 26.57 -4.41 6.05
CA GLU A 366 26.52 -4.41 7.51
C GLU A 366 25.26 -5.12 8.02
N SER A 367 24.15 -5.03 7.29
CA SER A 367 22.95 -5.76 7.68
C SER A 367 23.21 -7.27 7.63
N ILE A 368 23.94 -7.72 6.62
CA ILE A 368 24.26 -9.15 6.52
C ILE A 368 25.20 -9.55 7.65
N GLN A 369 26.18 -8.70 7.97
CA GLN A 369 27.07 -8.97 9.09
C GLN A 369 26.29 -9.08 10.39
N ALA A 370 25.32 -8.18 10.61
CA ALA A 370 24.46 -8.25 11.79
C ALA A 370 23.76 -9.61 11.86
N ALA A 371 23.23 -10.08 10.74
CA ALA A 371 22.58 -11.39 10.70
C ALA A 371 23.56 -12.51 11.02
N LYS A 372 24.74 -12.50 10.39
CA LYS A 372 25.71 -13.57 10.61
C LYS A 372 26.20 -13.59 12.06
N ASP A 373 26.42 -12.40 12.64
CA ASP A 373 26.81 -12.34 14.05
C ASP A 373 25.74 -12.96 14.94
N SER A 374 24.47 -12.72 14.62
CA SER A 374 23.38 -13.31 15.39
C SER A 374 23.35 -14.82 15.22
N TYR A 375 23.43 -15.29 13.96
CA TYR A 375 23.45 -16.72 13.70
C TYR A 375 24.58 -17.41 14.45
N ALA A 376 25.72 -16.72 14.64
CA ALA A 376 26.86 -17.35 15.32
C ALA A 376 26.54 -17.70 16.77
N ASP A 377 25.60 -16.98 17.39
CA ASP A 377 25.15 -17.31 18.73
C ASP A 377 23.82 -18.07 18.72
N ASN A 378 23.48 -18.67 17.58
N ASN A 378 23.47 -18.69 17.58
CA ASN A 378 22.23 -19.43 17.40
CA ASN A 378 22.22 -19.44 17.42
C ASN A 378 21.00 -18.56 17.67
C ASN A 378 21.00 -18.56 17.68
N TRP A 379 21.08 -17.28 17.32
CA TRP A 379 19.92 -16.41 17.39
C TRP A 379 18.96 -16.72 16.24
N GLY A 380 17.68 -16.42 16.46
CA GLY A 380 16.79 -16.22 15.35
C GLY A 380 17.00 -14.85 14.74
N VAL A 381 16.63 -14.72 13.46
CA VAL A 381 16.69 -13.44 12.75
C VAL A 381 15.34 -13.22 12.08
N MET A 382 14.73 -12.08 12.37
CA MET A 382 13.43 -11.73 11.81
C MET A 382 13.60 -10.45 10.99
N VAL A 383 13.62 -10.59 9.66
CA VAL A 383 13.74 -9.44 8.78
C VAL A 383 12.48 -8.59 8.90
N SER A 384 12.65 -7.27 8.98
CA SER A 384 11.57 -6.41 9.41
C SER A 384 11.37 -5.21 8.49
N HIS A 385 10.10 -4.82 8.35
CA HIS A 385 9.71 -3.56 7.76
C HIS A 385 9.90 -2.43 8.76
N ARG A 386 9.66 -1.19 8.32
CA ARG A 386 9.46 -0.06 9.23
C ARG A 386 8.00 0.34 9.18
N SER A 387 7.59 1.18 10.13
CA SER A 387 6.19 1.57 10.16
C SER A 387 5.87 2.51 8.98
N GLY A 388 6.86 3.25 8.50
CA GLY A 388 6.73 3.93 7.23
C GLY A 388 7.35 3.12 6.11
N GLU A 389 6.53 2.44 5.32
CA GLU A 389 7.01 1.56 4.26
C GLU A 389 6.68 2.14 2.89
N THR A 390 7.06 1.40 1.85
CA THR A 390 6.80 1.79 0.46
C THR A 390 6.43 0.55 -0.34
N GLU A 391 6.20 0.75 -1.65
CA GLU A 391 5.94 -0.34 -2.58
C GLU A 391 7.18 -1.19 -2.86
N ASP A 392 8.33 -0.82 -2.32
CA ASP A 392 9.55 -1.60 -2.47
C ASP A 392 9.41 -2.93 -1.75
N VAL A 393 9.96 -4.00 -2.33
CA VAL A 393 9.81 -5.35 -1.78
C VAL A 393 11.16 -6.00 -1.49
N THR A 394 12.21 -5.18 -1.32
CA THR A 394 13.55 -5.72 -1.12
C THR A 394 13.62 -6.67 0.07
N ILE A 395 12.90 -6.37 1.15
CA ILE A 395 13.09 -7.17 2.36
C ILE A 395 12.56 -8.59 2.19
N ALA A 396 11.66 -8.81 1.22
CA ALA A 396 11.23 -10.19 0.94
C ALA A 396 12.39 -11.01 0.42
N ASP A 397 13.15 -10.46 -0.53
CA ASP A 397 14.35 -11.17 -1.00
C ASP A 397 15.40 -11.27 0.08
N ILE A 398 15.51 -10.27 0.96
CA ILE A 398 16.48 -10.33 2.05
C ILE A 398 16.14 -11.48 3.01
N ALA A 399 14.85 -11.59 3.38
CA ALA A 399 14.45 -12.65 4.29
C ALA A 399 14.73 -14.04 3.70
N VAL A 400 14.44 -14.23 2.41
CA VAL A 400 14.72 -15.53 1.79
C VAL A 400 16.23 -15.72 1.63
N GLY A 401 16.93 -14.70 1.13
CA GLY A 401 18.37 -14.83 0.93
C GLY A 401 19.13 -15.14 2.21
N LEU A 402 18.64 -14.63 3.35
CA LEU A 402 19.28 -14.86 4.64
C LEU A 402 18.85 -16.16 5.31
N ARG A 403 17.92 -16.90 4.71
CA ARG A 403 17.41 -18.15 5.28
C ARG A 403 16.90 -17.93 6.69
N SER A 404 16.35 -16.75 6.96
CA SER A 404 15.97 -16.39 8.32
C SER A 404 14.74 -17.17 8.80
N GLY A 405 13.86 -17.56 7.88
CA GLY A 405 12.65 -18.26 8.27
C GLY A 405 11.60 -17.42 8.96
N GLN A 406 11.82 -16.11 9.11
CA GLN A 406 10.87 -15.22 9.77
C GLN A 406 10.90 -13.86 9.11
N ILE A 407 9.72 -13.29 8.88
CA ILE A 407 9.61 -11.93 8.39
C ILE A 407 8.49 -11.22 9.13
N LYS A 408 8.68 -9.94 9.40
CA LYS A 408 7.65 -9.10 10.03
C LYS A 408 7.40 -7.96 9.04
N THR A 409 6.27 -8.01 8.34
CA THR A 409 6.02 -7.00 7.32
C THR A 409 4.55 -6.58 7.31
N GLY A 410 3.86 -6.72 8.43
CA GLY A 410 2.59 -6.08 8.67
C GLY A 410 1.43 -7.06 8.72
N ALA A 411 0.27 -6.51 9.03
CA ALA A 411 -0.99 -7.20 8.81
C ALA A 411 -1.16 -7.48 7.32
N PRO A 412 -2.08 -8.39 6.95
CA PRO A 412 -2.40 -8.57 5.52
C PRO A 412 -3.35 -7.47 5.03
N CYS A 413 -2.90 -6.23 5.15
CA CYS A 413 -3.72 -5.06 4.84
C CYS A 413 -2.77 -3.89 4.58
N ARG A 414 -3.11 -3.06 3.57
CA ARG A 414 -2.28 -1.98 3.04
C ARG A 414 -1.16 -2.57 2.18
N SER A 415 -1.02 -2.10 0.95
CA SER A 415 -0.17 -2.80 -0.01
C SER A 415 1.32 -2.57 0.23
N GLU A 416 1.73 -1.56 1.02
CA GLU A 416 3.13 -1.53 1.42
C GLU A 416 3.47 -2.73 2.29
N ARG A 417 2.45 -3.41 2.83
CA ARG A 417 2.63 -4.68 3.52
C ARG A 417 2.42 -5.87 2.59
N LEU A 418 1.32 -5.90 1.81
CA LEU A 418 1.05 -7.04 0.95
C LEU A 418 2.09 -7.20 -0.14
N ALA A 419 2.70 -6.10 -0.60
CA ALA A 419 3.68 -6.19 -1.68
C ALA A 419 4.83 -7.13 -1.31
N LYS A 420 5.28 -7.09 -0.06
CA LYS A 420 6.31 -8.04 0.38
C LYS A 420 5.78 -9.47 0.37
N LEU A 421 4.56 -9.66 0.88
CA LEU A 421 3.99 -11.01 0.91
C LEU A 421 3.72 -11.53 -0.50
N ASN A 422 3.25 -10.65 -1.40
CA ASN A 422 3.06 -11.04 -2.79
C ASN A 422 4.39 -11.43 -3.44
N GLN A 423 5.47 -10.73 -3.10
CA GLN A 423 6.77 -11.06 -3.66
C GLN A 423 7.21 -12.45 -3.21
N ILE A 424 6.95 -12.81 -1.95
CA ILE A 424 7.33 -14.14 -1.48
C ILE A 424 6.49 -15.21 -2.17
N LEU A 425 5.22 -14.91 -2.49
CA LEU A 425 4.41 -15.84 -3.26
C LEU A 425 5.04 -16.09 -4.63
N ARG A 426 5.56 -15.05 -5.27
CA ARG A 426 6.23 -15.23 -6.57
C ARG A 426 7.49 -16.05 -6.42
N ILE A 427 8.28 -15.79 -5.38
CA ILE A 427 9.48 -16.56 -5.10
C ILE A 427 9.12 -18.02 -4.84
N GLU A 428 8.09 -18.25 -4.03
CA GLU A 428 7.62 -19.60 -3.74
C GLU A 428 7.25 -20.35 -5.00
N GLU A 429 6.46 -19.72 -5.87
CA GLU A 429 6.08 -20.36 -7.12
C GLU A 429 7.28 -20.60 -8.02
N GLU A 430 8.22 -19.65 -8.05
CA GLU A 430 9.40 -19.76 -8.90
C GLU A 430 10.31 -20.89 -8.43
N LEU A 431 10.41 -21.10 -7.11
CA LEU A 431 11.37 -22.08 -6.60
C LEU A 431 10.80 -23.49 -6.57
N GLY A 432 9.49 -23.64 -6.42
CA GLY A 432 8.90 -24.97 -6.34
C GLY A 432 9.51 -25.79 -5.22
N GLU A 433 9.95 -27.00 -5.55
CA GLU A 433 10.53 -27.91 -4.57
C GLU A 433 11.90 -27.46 -4.07
N ASN A 434 12.53 -26.50 -4.74
CA ASN A 434 13.80 -25.95 -4.29
C ASN A 434 13.64 -24.95 -3.15
N ALA A 435 12.46 -24.86 -2.56
CA ALA A 435 12.23 -24.04 -1.37
C ALA A 435 11.38 -24.82 -0.38
N VAL A 436 11.62 -24.58 0.91
CA VAL A 436 10.81 -25.15 1.98
C VAL A 436 10.31 -24.03 2.88
N TYR A 437 9.12 -24.24 3.44
CA TYR A 437 8.55 -23.29 4.39
C TYR A 437 9.14 -23.56 5.77
N ALA A 438 9.62 -22.51 6.44
CA ALA A 438 10.29 -22.70 7.72
C ALA A 438 9.38 -23.34 8.74
N GLY A 439 8.09 -22.99 8.70
CA GLY A 439 7.14 -23.64 9.59
C GLY A 439 7.50 -23.44 11.04
N SER A 440 7.38 -24.51 11.82
CA SER A 440 7.59 -24.43 13.26
C SER A 440 9.06 -24.26 13.66
N LYS A 441 9.99 -24.41 12.72
CA LYS A 441 11.42 -24.29 13.00
C LYS A 441 11.97 -22.91 12.71
N PHE A 442 11.13 -21.86 12.79
CA PHE A 442 11.56 -20.54 12.36
C PHE A 442 12.73 -20.01 13.19
N ARG A 443 12.84 -20.42 14.46
CA ARG A 443 13.95 -19.93 15.28
C ARG A 443 15.30 -20.46 14.84
N THR A 444 15.34 -21.60 14.13
CA THR A 444 16.59 -22.22 13.69
C THR A 444 16.62 -22.44 12.17
N ALA A 445 15.88 -21.62 11.42
CA ALA A 445 15.68 -21.91 10.00
C ALA A 445 16.99 -21.86 9.22
N VAL A 446 17.98 -21.10 9.70
CA VAL A 446 19.23 -20.96 8.95
C VAL A 446 19.94 -22.30 8.82
N ASN A 447 19.70 -23.22 9.75
CA ASN A 447 20.32 -24.53 9.75
C ASN A 447 19.34 -25.64 9.44
N LEU A 448 18.11 -25.30 9.06
CA LEU A 448 17.07 -26.26 8.75
C LEU A 448 17.51 -27.24 7.65
N PRO B 12 6.58 -12.66 -30.85
CA PRO B 12 5.46 -13.44 -30.31
C PRO B 12 5.51 -13.56 -28.80
N ILE B 13 4.38 -13.87 -28.18
CA ILE B 13 4.33 -14.12 -26.74
C ILE B 13 4.82 -15.53 -26.47
N SER B 14 5.82 -15.66 -25.60
CA SER B 14 6.33 -16.98 -25.25
C SER B 14 5.63 -17.60 -24.06
N LYS B 15 5.00 -16.80 -23.21
CA LYS B 15 4.41 -17.30 -21.98
C LYS B 15 3.37 -16.32 -21.46
N ILE B 16 2.25 -16.87 -21.00
CA ILE B 16 1.21 -16.11 -20.31
C ILE B 16 0.81 -16.91 -19.09
N HIS B 17 0.95 -16.31 -17.91
CA HIS B 17 0.74 -17.05 -16.67
C HIS B 17 0.14 -16.15 -15.60
N ALA B 18 -0.88 -16.64 -14.92
CA ALA B 18 -1.58 -15.90 -13.89
C ALA B 18 -1.35 -16.55 -12.53
N ARG B 19 -1.46 -15.73 -11.47
CA ARG B 19 -1.37 -16.22 -10.11
C ARG B 19 -2.29 -15.38 -9.23
N SER B 20 -2.52 -15.88 -8.01
N SER B 20 -2.52 -15.89 -8.01
CA SER B 20 -3.27 -15.13 -7.02
CA SER B 20 -3.26 -15.15 -7.00
C SER B 20 -2.31 -14.33 -6.14
C SER B 20 -2.28 -14.32 -6.17
N VAL B 21 -2.62 -13.05 -5.96
CA VAL B 21 -1.92 -12.19 -5.00
C VAL B 21 -2.97 -11.53 -4.12
N TYR B 22 -2.53 -10.76 -3.15
CA TYR B 22 -3.44 -10.13 -2.20
C TYR B 22 -3.55 -8.64 -2.49
N ASP B 23 -4.77 -8.11 -2.41
CA ASP B 23 -5.01 -6.69 -2.59
C ASP B 23 -4.93 -5.99 -1.23
N SER B 24 -5.16 -4.66 -1.25
CA SER B 24 -4.90 -3.83 -0.09
C SER B 24 -5.86 -4.10 1.07
N ARG B 25 -6.97 -4.78 0.84
CA ARG B 25 -7.87 -5.18 1.90
C ARG B 25 -7.65 -6.61 2.38
N GLY B 26 -6.66 -7.29 1.82
CA GLY B 26 -6.34 -8.64 2.27
C GLY B 26 -7.12 -9.72 1.56
N ASN B 27 -7.70 -9.43 0.41
CA ASN B 27 -8.47 -10.35 -0.40
C ASN B 27 -7.71 -10.71 -1.67
N PRO B 28 -7.88 -11.93 -2.17
CA PRO B 28 -7.15 -12.34 -3.38
C PRO B 28 -7.56 -11.52 -4.60
N THR B 29 -6.64 -11.43 -5.54
CA THR B 29 -6.94 -10.88 -6.86
C THR B 29 -5.96 -11.49 -7.85
N VAL B 30 -6.16 -11.16 -9.13
CA VAL B 30 -5.48 -11.81 -10.24
C VAL B 30 -4.28 -10.97 -10.68
N GLU B 31 -3.12 -11.62 -10.80
CA GLU B 31 -1.94 -11.01 -11.39
C GLU B 31 -1.57 -11.82 -12.63
N VAL B 32 -1.26 -11.13 -13.73
CA VAL B 32 -0.98 -11.78 -15.01
C VAL B 32 0.41 -11.39 -15.48
N ASP B 33 1.19 -12.40 -15.88
CA ASP B 33 2.48 -12.21 -16.54
C ASP B 33 2.32 -12.50 -18.02
N VAL B 34 2.90 -11.64 -18.87
CA VAL B 34 3.04 -11.89 -20.29
C VAL B 34 4.50 -11.71 -20.65
N VAL B 35 5.10 -12.72 -21.29
CA VAL B 35 6.52 -12.74 -21.59
C VAL B 35 6.72 -12.62 -23.09
N THR B 36 7.52 -11.64 -23.51
CA THR B 36 7.94 -11.49 -24.90
C THR B 36 9.45 -11.32 -24.96
N GLU B 37 9.97 -11.02 -26.15
CA GLU B 37 11.41 -10.84 -26.31
C GLU B 37 11.92 -9.65 -25.52
N THR B 38 11.08 -8.63 -25.30
CA THR B 38 11.47 -7.50 -24.49
C THR B 38 11.49 -7.82 -22.99
N GLY B 39 10.99 -8.98 -22.59
CA GLY B 39 11.03 -9.35 -21.19
C GLY B 39 9.68 -9.68 -20.58
N LEU B 40 9.58 -9.57 -19.26
CA LEU B 40 8.37 -9.91 -18.53
C LEU B 40 7.51 -8.67 -18.33
N HIS B 41 6.21 -8.80 -18.60
CA HIS B 41 5.28 -7.69 -18.46
C HIS B 41 4.13 -8.14 -17.58
N ARG B 42 3.86 -7.38 -16.51
CA ARG B 42 3.05 -7.83 -15.40
C ARG B 42 2.00 -6.79 -15.07
N ALA B 43 0.80 -7.27 -14.71
CA ALA B 43 -0.30 -6.40 -14.31
C ALA B 43 -1.11 -7.11 -13.24
N ILE B 44 -1.64 -6.33 -12.29
CA ILE B 44 -2.56 -6.83 -11.27
C ILE B 44 -3.89 -6.11 -11.42
N VAL B 45 -4.97 -6.85 -11.22
CA VAL B 45 -6.34 -6.34 -11.36
C VAL B 45 -6.84 -5.89 -10.00
N PRO B 46 -7.49 -4.74 -9.88
CA PRO B 46 -8.07 -4.34 -8.59
C PRO B 46 -9.36 -5.12 -8.32
N SER B 47 -9.90 -4.93 -7.12
CA SER B 47 -11.13 -5.64 -6.73
C SER B 47 -12.29 -5.11 -7.56
N GLY B 48 -13.19 -6.03 -7.94
CA GLY B 48 -14.35 -5.64 -8.71
C GLY B 48 -15.67 -5.98 -8.03
N ALA B 49 -16.56 -6.64 -8.78
CA ALA B 49 -17.87 -7.06 -8.25
C ALA B 49 -18.29 -8.34 -8.94
N SER B 50 -18.56 -9.39 -8.15
CA SER B 50 -19.03 -10.66 -8.69
C SER B 50 -20.54 -10.83 -8.57
N THR B 51 -21.24 -9.85 -8.00
CA THR B 51 -22.68 -9.90 -7.87
C THR B 51 -23.23 -8.49 -8.02
N GLY B 52 -24.55 -8.40 -8.20
CA GLY B 52 -25.25 -7.14 -8.39
C GLY B 52 -25.58 -6.82 -9.83
N GLN B 53 -24.77 -7.29 -10.77
CA GLN B 53 -25.04 -7.16 -12.20
C GLN B 53 -25.13 -5.70 -12.64
N HIS B 54 -24.18 -4.89 -12.18
CA HIS B 54 -24.04 -3.51 -12.62
C HIS B 54 -22.85 -3.33 -13.57
N GLU B 55 -21.69 -3.84 -13.20
CA GLU B 55 -20.46 -3.72 -13.97
C GLU B 55 -20.10 -5.07 -14.57
N ALA B 56 -18.93 -5.11 -15.23
CA ALA B 56 -18.39 -6.37 -15.71
C ALA B 56 -18.27 -7.37 -14.56
N HIS B 57 -18.49 -8.64 -14.89
CA HIS B 57 -18.65 -9.71 -13.90
C HIS B 57 -17.27 -10.27 -13.53
N GLU B 58 -16.80 -9.97 -12.31
CA GLU B 58 -15.58 -10.62 -11.83
C GLU B 58 -15.91 -12.03 -11.38
N LEU B 59 -14.99 -12.96 -11.63
CA LEU B 59 -15.17 -14.36 -11.28
C LEU B 59 -14.52 -14.63 -9.93
N ARG B 60 -15.34 -14.91 -8.93
CA ARG B 60 -14.88 -15.32 -7.61
C ARG B 60 -15.21 -16.80 -7.39
N ASP B 61 -14.36 -17.48 -6.62
CA ASP B 61 -14.49 -18.93 -6.47
C ASP B 61 -15.78 -19.31 -5.73
N GLY B 62 -16.15 -18.55 -4.70
CA GLY B 62 -17.34 -18.85 -3.96
C GLY B 62 -17.25 -20.03 -3.03
N ASP B 63 -16.03 -20.49 -2.71
CA ASP B 63 -15.82 -21.55 -1.74
C ASP B 63 -15.75 -20.91 -0.36
N LYS B 64 -16.80 -21.11 0.45
CA LYS B 64 -16.83 -20.40 1.72
C LYS B 64 -15.74 -20.85 2.69
N THR B 65 -15.05 -21.96 2.42
CA THR B 65 -13.93 -22.37 3.28
C THR B 65 -12.60 -21.75 2.89
N GLN B 66 -12.56 -20.94 1.83
CA GLN B 66 -11.31 -20.38 1.33
C GLN B 66 -11.50 -18.88 1.08
N TRP B 67 -10.75 -18.06 1.83
CA TRP B 67 -10.81 -16.60 1.72
C TRP B 67 -12.23 -16.08 1.84
N GLY B 68 -13.06 -16.75 2.62
CA GLY B 68 -14.47 -16.37 2.74
C GLY B 68 -15.21 -16.36 1.42
N GLY B 69 -14.84 -17.24 0.50
CA GLY B 69 -15.48 -17.30 -0.80
C GLY B 69 -14.88 -16.40 -1.86
N LYS B 70 -13.83 -15.64 -1.55
CA LYS B 70 -13.31 -14.61 -2.44
C LYS B 70 -12.05 -15.06 -3.19
N GLY B 71 -11.80 -16.36 -3.28
CA GLY B 71 -10.69 -16.84 -4.07
C GLY B 71 -10.86 -16.53 -5.55
N VAL B 72 -9.74 -16.50 -6.26
CA VAL B 72 -9.74 -16.26 -7.69
C VAL B 72 -9.05 -17.39 -8.45
N LEU B 73 -9.01 -18.58 -7.85
CA LEU B 73 -8.33 -19.71 -8.48
C LEU B 73 -8.93 -20.03 -9.85
N LYS B 74 -10.25 -19.94 -9.97
CA LYS B 74 -10.91 -20.26 -11.23
C LYS B 74 -10.61 -19.22 -12.30
N ALA B 75 -10.61 -17.95 -11.93
CA ALA B 75 -10.20 -16.91 -12.88
C ALA B 75 -8.74 -17.11 -13.29
N VAL B 76 -7.87 -17.41 -12.32
CA VAL B 76 -6.47 -17.67 -12.62
C VAL B 76 -6.35 -18.85 -13.57
N LYS B 77 -7.09 -19.93 -13.28
CA LYS B 77 -7.10 -21.09 -14.16
C LYS B 77 -7.54 -20.72 -15.57
N ASN B 78 -8.52 -19.80 -15.69
CA ASN B 78 -8.99 -19.41 -17.02
C ASN B 78 -7.89 -18.75 -17.83
N VAL B 79 -7.06 -17.93 -17.20
CA VAL B 79 -5.91 -17.34 -17.90
C VAL B 79 -4.93 -18.44 -18.30
N ASN B 80 -4.61 -19.33 -17.37
CA ASN B 80 -3.53 -20.29 -17.59
C ASN B 80 -3.94 -21.37 -18.60
N GLU B 81 -5.18 -21.84 -18.54
CA GLU B 81 -5.59 -22.99 -19.33
C GLU B 81 -6.40 -22.63 -20.58
N THR B 82 -7.02 -21.46 -20.64
CA THR B 82 -7.89 -21.12 -21.76
C THR B 82 -7.39 -19.89 -22.50
N ILE B 83 -7.28 -18.73 -21.85
CA ILE B 83 -6.94 -17.50 -22.55
C ILE B 83 -5.52 -17.56 -23.08
N GLY B 84 -4.57 -17.93 -22.22
CA GLY B 84 -3.16 -17.95 -22.57
C GLY B 84 -2.85 -18.79 -23.79
N PRO B 85 -3.18 -20.09 -23.73
CA PRO B 85 -2.95 -20.94 -24.92
C PRO B 85 -3.62 -20.41 -26.18
N ALA B 86 -4.87 -19.95 -26.09
CA ALA B 86 -5.56 -19.44 -27.27
C ALA B 86 -4.90 -18.18 -27.82
N LEU B 87 -4.48 -17.26 -26.94
CA LEU B 87 -3.91 -16.01 -27.43
C LEU B 87 -2.54 -16.22 -28.06
N ILE B 88 -1.72 -17.09 -27.46
CA ILE B 88 -0.43 -17.40 -28.05
C ILE B 88 -0.61 -18.01 -29.44
N LYS B 89 -1.58 -18.91 -29.58
CA LYS B 89 -1.84 -19.53 -30.88
C LYS B 89 -2.42 -18.53 -31.87
N GLU B 90 -3.16 -17.52 -31.39
CA GLU B 90 -3.73 -16.54 -32.30
C GLU B 90 -2.65 -15.64 -32.89
N ASN B 91 -1.54 -15.46 -32.17
CA ASN B 91 -0.33 -14.81 -32.70
C ASN B 91 -0.60 -13.37 -33.14
N ILE B 92 -1.30 -12.64 -32.27
CA ILE B 92 -1.63 -11.25 -32.55
C ILE B 92 -0.44 -10.35 -32.19
N ASP B 93 -0.18 -9.35 -33.02
CA ASP B 93 0.82 -8.35 -32.70
C ASP B 93 0.47 -7.65 -31.39
N VAL B 94 1.37 -7.73 -30.40
CA VAL B 94 1.03 -7.24 -29.07
C VAL B 94 0.83 -5.73 -29.04
N LYS B 95 1.33 -5.01 -30.06
CA LYS B 95 1.09 -3.56 -30.11
C LYS B 95 -0.34 -3.23 -30.55
N ASP B 96 -1.05 -4.18 -31.16
CA ASP B 96 -2.39 -3.94 -31.68
C ASP B 96 -3.40 -4.26 -30.58
N GLN B 97 -3.53 -3.30 -29.65
CA GLN B 97 -4.35 -3.52 -28.47
C GLN B 97 -5.80 -3.84 -28.84
N SER B 98 -6.36 -3.09 -29.80
CA SER B 98 -7.75 -3.32 -30.19
C SER B 98 -7.96 -4.75 -30.67
N LYS B 99 -7.04 -5.27 -31.49
CA LYS B 99 -7.19 -6.63 -31.99
C LYS B 99 -7.05 -7.63 -30.85
N VAL B 100 -6.14 -7.38 -29.92
CA VAL B 100 -5.99 -8.26 -28.77
C VAL B 100 -7.28 -8.30 -27.96
N ASP B 101 -7.83 -7.13 -27.65
CA ASP B 101 -9.02 -7.08 -26.81
C ASP B 101 -10.25 -7.61 -27.55
N GLU B 102 -10.32 -7.39 -28.87
CA GLU B 102 -11.37 -8.04 -29.66
C GLU B 102 -11.30 -9.56 -29.51
N PHE B 103 -10.10 -10.13 -29.58
CA PHE B 103 -9.96 -11.58 -29.47
C PHE B 103 -10.37 -12.06 -28.08
N LEU B 104 -10.01 -11.31 -27.04
CA LEU B 104 -10.37 -11.70 -25.68
C LEU B 104 -11.89 -11.73 -25.50
N ASN B 105 -12.58 -10.72 -26.01
CA ASN B 105 -14.03 -10.71 -25.90
C ASN B 105 -14.67 -11.81 -26.73
N LYS B 106 -14.08 -12.11 -27.89
CA LYS B 106 -14.57 -13.24 -28.68
C LYS B 106 -14.42 -14.56 -27.93
N LEU B 107 -13.28 -14.76 -27.26
CA LEU B 107 -13.10 -15.96 -26.46
C LEU B 107 -14.16 -16.07 -25.38
N ASP B 108 -14.47 -14.95 -24.72
CA ASP B 108 -15.45 -14.98 -23.63
C ASP B 108 -16.86 -15.14 -24.17
N GLY B 109 -17.26 -14.25 -25.08
CA GLY B 109 -18.54 -14.37 -25.76
C GLY B 109 -19.75 -13.88 -25.00
N THR B 110 -19.58 -13.36 -23.79
CA THR B 110 -20.70 -12.85 -23.03
C THR B 110 -20.59 -11.33 -22.90
N ALA B 111 -21.73 -10.67 -22.78
CA ALA B 111 -21.72 -9.21 -22.68
C ALA B 111 -21.07 -8.73 -21.38
N ASN B 112 -21.22 -9.49 -20.29
CA ASN B 112 -20.70 -9.07 -18.99
C ASN B 112 -19.40 -9.78 -18.63
N LYS B 113 -18.79 -10.50 -19.58
CA LYS B 113 -17.52 -11.21 -19.35
C LYS B 113 -17.64 -12.24 -18.23
N SER B 114 -18.80 -12.87 -18.08
CA SER B 114 -19.05 -13.83 -17.01
C SER B 114 -18.64 -15.26 -17.36
N ASN B 115 -18.22 -15.52 -18.60
CA ASN B 115 -17.71 -16.84 -18.94
C ASN B 115 -16.32 -17.05 -18.35
N LEU B 116 -15.36 -16.23 -18.81
CA LEU B 116 -13.98 -16.35 -18.34
C LEU B 116 -13.69 -15.48 -17.13
N GLY B 117 -14.49 -14.45 -16.88
CA GLY B 117 -14.26 -13.57 -15.76
C GLY B 117 -13.64 -12.26 -16.19
N ALA B 118 -14.27 -11.15 -15.80
CA ALA B 118 -13.73 -9.84 -16.14
C ALA B 118 -12.34 -9.65 -15.57
N ASN B 119 -12.05 -10.22 -14.41
CA ASN B 119 -10.72 -10.05 -13.82
C ASN B 119 -9.67 -10.82 -14.60
N ALA B 120 -10.02 -12.00 -15.12
CA ALA B 120 -9.11 -12.75 -15.97
C ALA B 120 -8.84 -12.02 -17.28
N ILE B 121 -9.88 -11.45 -17.88
CA ILE B 121 -9.73 -10.80 -19.18
C ILE B 121 -8.91 -9.51 -19.06
N LEU B 122 -9.25 -8.68 -18.07
CA LEU B 122 -8.53 -7.42 -17.91
C LEU B 122 -7.06 -7.65 -17.55
N GLY B 123 -6.79 -8.64 -16.70
CA GLY B 123 -5.40 -8.96 -16.38
C GLY B 123 -4.57 -9.21 -17.61
N VAL B 124 -5.09 -10.04 -18.53
CA VAL B 124 -4.40 -10.28 -19.79
C VAL B 124 -4.36 -9.02 -20.63
N SER B 125 -5.46 -8.27 -20.66
CA SER B 125 -5.53 -7.07 -21.49
C SER B 125 -4.43 -6.08 -21.11
N LEU B 126 -4.23 -5.87 -19.80
CA LEU B 126 -3.28 -4.86 -19.33
C LEU B 126 -1.83 -5.33 -19.45
N ALA B 127 -1.56 -6.60 -19.19
CA ALA B 127 -0.21 -7.11 -19.32
C ALA B 127 0.24 -7.11 -20.77
N VAL B 128 -0.68 -7.40 -21.69
CA VAL B 128 -0.37 -7.32 -23.12
C VAL B 128 -0.10 -5.87 -23.51
N ALA B 129 -0.89 -4.93 -22.99
CA ALA B 129 -0.66 -3.52 -23.29
C ALA B 129 0.75 -3.09 -22.91
N LYS B 130 1.24 -3.56 -21.76
CA LYS B 130 2.61 -3.24 -21.36
C LYS B 130 3.62 -3.89 -22.30
N ALA B 131 3.33 -5.11 -22.76
CA ALA B 131 4.20 -5.76 -23.75
C ALA B 131 4.21 -4.97 -25.06
N GLY B 132 3.06 -4.40 -25.44
CA GLY B 132 3.00 -3.63 -26.66
C GLY B 132 3.79 -2.33 -26.57
N ALA B 133 3.71 -1.66 -25.42
CA ALA B 133 4.52 -0.48 -25.18
C ALA B 133 6.00 -0.81 -25.27
N ALA B 134 6.42 -1.92 -24.65
CA ALA B 134 7.84 -2.29 -24.67
C ALA B 134 8.32 -2.67 -26.07
N GLU B 135 7.47 -3.28 -26.89
CA GLU B 135 7.88 -3.55 -28.26
C GLU B 135 8.09 -2.25 -29.03
N LYS B 136 7.28 -1.24 -28.75
CA LYS B 136 7.45 0.08 -29.36
C LYS B 136 8.59 0.87 -28.74
N GLY B 137 9.20 0.37 -27.67
CA GLY B 137 10.27 1.09 -27.01
C GLY B 137 9.83 2.37 -26.33
N VAL B 138 8.60 2.42 -25.83
CA VAL B 138 8.06 3.62 -25.19
C VAL B 138 7.37 3.25 -23.90
N PRO B 139 7.31 4.14 -22.91
CA PRO B 139 6.55 3.84 -21.69
C PRO B 139 5.06 3.70 -21.97
N LEU B 140 4.35 3.07 -21.03
CA LEU B 140 2.96 2.69 -21.27
C LEU B 140 2.08 3.91 -21.56
N TYR B 141 2.31 5.02 -20.85
CA TYR B 141 1.49 6.20 -21.10
C TYR B 141 1.61 6.69 -22.53
N ALA B 142 2.81 6.55 -23.12
CA ALA B 142 2.99 6.94 -24.52
C ALA B 142 2.22 6.01 -25.45
N HIS B 143 2.27 4.70 -25.18
CA HIS B 143 1.51 3.73 -25.94
C HIS B 143 0.02 4.02 -25.86
N ILE B 144 -0.48 4.34 -24.66
CA ILE B 144 -1.91 4.61 -24.50
C ILE B 144 -2.30 5.90 -25.22
N SER B 145 -1.42 6.91 -25.17
CA SER B 145 -1.66 8.12 -25.95
C SER B 145 -1.86 7.79 -27.43
N ASP B 146 -0.99 6.95 -27.99
CA ASP B 146 -1.17 6.50 -29.37
C ASP B 146 -2.52 5.82 -29.56
N LEU B 147 -2.87 4.90 -28.65
CA LEU B 147 -4.13 4.17 -28.77
C LEU B 147 -5.32 5.09 -28.67
N ALA B 148 -5.25 6.11 -27.81
CA ALA B 148 -6.38 7.00 -27.57
C ALA B 148 -6.40 8.19 -28.51
N GLY B 149 -5.31 8.44 -29.23
CA GLY B 149 -5.25 9.58 -30.13
C GLY B 149 -5.09 10.92 -29.44
N THR B 150 -4.57 10.95 -28.22
CA THR B 150 -4.44 12.21 -27.49
C THR B 150 -3.15 12.92 -27.90
N LYS B 151 -3.20 14.25 -27.85
CA LYS B 151 -2.13 15.08 -28.39
C LYS B 151 -1.05 15.35 -27.34
N LYS B 152 0.07 15.86 -27.81
CA LYS B 152 1.19 16.30 -27.00
C LYS B 152 1.20 17.83 -26.89
N PRO B 153 1.81 18.39 -25.83
CA PRO B 153 2.54 17.73 -24.74
C PRO B 153 1.65 16.90 -23.83
N TYR B 154 2.24 15.98 -23.08
CA TYR B 154 1.47 15.22 -22.12
C TYR B 154 0.93 16.13 -21.02
N VAL B 155 -0.21 15.72 -20.46
CA VAL B 155 -0.84 16.46 -19.37
C VAL B 155 -0.87 15.55 -18.15
N LEU B 156 -0.33 16.07 -17.04
CA LEU B 156 -0.31 15.38 -15.76
C LEU B 156 -1.58 15.70 -14.98
N PRO B 157 -2.16 14.70 -14.31
CA PRO B 157 -3.47 14.88 -13.69
C PRO B 157 -3.45 15.49 -12.29
N VAL B 158 -4.49 16.26 -12.02
CA VAL B 158 -4.74 16.76 -10.67
C VAL B 158 -5.18 15.58 -9.79
N PRO B 159 -4.55 15.35 -8.64
CA PRO B 159 -4.98 14.27 -7.74
C PRO B 159 -6.19 14.69 -6.92
N PHE B 160 -7.27 13.92 -7.02
CA PHE B 160 -8.45 14.11 -6.19
C PHE B 160 -8.33 13.15 -5.01
N GLN B 161 -8.04 13.68 -3.82
CA GLN B 161 -7.51 12.90 -2.69
C GLN B 161 -8.57 12.76 -1.60
N ASN B 162 -9.05 11.53 -1.40
CA ASN B 162 -10.13 11.21 -0.46
C ASN B 162 -9.55 11.14 0.95
N VAL B 163 -9.46 12.29 1.62
CA VAL B 163 -8.79 12.38 2.91
C VAL B 163 -9.73 12.19 4.10
N LEU B 164 -11.04 12.30 3.91
CA LEU B 164 -12.02 12.12 4.98
C LEU B 164 -13.18 11.31 4.45
N ASN B 165 -13.62 10.31 5.22
CA ASN B 165 -14.61 9.33 4.77
C ASN B 165 -15.88 9.39 5.59
N GLY B 166 -17.01 9.17 4.93
CA GLY B 166 -18.28 9.00 5.60
C GLY B 166 -19.09 7.88 5.00
N GLY B 167 -20.41 7.92 5.18
CA GLY B 167 -21.27 6.93 4.57
C GLY B 167 -21.12 5.56 5.23
N SER B 168 -21.19 4.51 4.40
CA SER B 168 -21.07 3.16 4.93
C SER B 168 -19.68 2.84 5.44
N HIS B 169 -18.71 3.72 5.23
CA HIS B 169 -17.35 3.48 5.73
C HIS B 169 -17.23 3.80 7.22
N ALA B 170 -17.88 4.85 7.69
CA ALA B 170 -17.68 5.34 9.04
C ALA B 170 -19.00 5.29 9.82
N GLY B 171 -18.86 5.42 11.14
CA GLY B 171 -20.00 5.61 12.00
C GLY B 171 -20.52 7.03 11.90
N GLY B 172 -21.30 7.43 12.89
CA GLY B 172 -21.92 8.75 12.87
C GLY B 172 -22.96 8.86 11.76
N ARG B 173 -23.55 10.04 11.67
CA ARG B 173 -24.65 10.27 10.74
C ARG B 173 -24.18 10.68 9.35
N LEU B 174 -22.89 10.96 9.16
CA LEU B 174 -22.37 11.46 7.89
C LEU B 174 -22.71 10.52 6.73
N ALA B 175 -23.60 10.96 5.85
CA ALA B 175 -24.08 10.10 4.78
C ALA B 175 -23.16 10.08 3.57
N PHE B 176 -22.48 11.18 3.29
CA PHE B 176 -21.66 11.25 2.08
C PHE B 176 -20.41 10.40 2.26
N GLN B 177 -19.96 9.78 1.16
CA GLN B 177 -18.95 8.75 1.24
C GLN B 177 -17.53 9.27 1.21
N GLU B 178 -17.21 10.20 0.29
CA GLU B 178 -15.83 10.63 0.09
C GLU B 178 -15.73 12.15 0.08
N PHE B 179 -14.78 12.67 0.84
CA PHE B 179 -14.48 14.10 0.85
C PHE B 179 -13.04 14.30 0.41
N MET B 180 -12.85 14.99 -0.72
CA MET B 180 -11.57 15.05 -1.40
C MET B 180 -11.02 16.48 -1.46
N ILE B 181 -9.71 16.59 -1.41
CA ILE B 181 -9.04 17.86 -1.67
C ILE B 181 -8.47 17.83 -3.07
N VAL B 182 -8.45 19.00 -3.71
CA VAL B 182 -8.15 19.12 -5.14
C VAL B 182 -7.07 20.19 -5.32
N PRO B 183 -5.79 19.84 -5.29
CA PRO B 183 -4.73 20.87 -5.44
C PRO B 183 -4.54 21.31 -6.89
N ASP B 184 -5.48 22.13 -7.38
CA ASP B 184 -5.45 22.53 -8.79
C ASP B 184 -4.63 23.78 -9.06
N SER B 185 -4.44 24.66 -8.07
CA SER B 185 -3.68 25.89 -8.29
C SER B 185 -2.17 25.67 -8.34
N ALA B 186 -1.67 24.54 -7.84
CA ALA B 186 -0.23 24.32 -7.77
C ALA B 186 0.40 24.44 -9.16
N PRO B 187 1.64 24.93 -9.25
CA PRO B 187 2.27 25.11 -10.57
C PRO B 187 2.72 23.82 -11.21
N SER B 188 2.82 22.74 -10.45
CA SER B 188 3.32 21.47 -10.98
C SER B 188 2.66 20.33 -10.23
N PHE B 189 2.74 19.13 -10.82
CA PHE B 189 2.23 17.96 -10.12
C PHE B 189 3.00 17.70 -8.82
N SER B 190 4.33 17.82 -8.87
CA SER B 190 5.13 17.62 -7.68
C SER B 190 4.71 18.56 -6.55
N GLU B 191 4.47 19.84 -6.88
CA GLU B 191 4.05 20.79 -5.87
C GLU B 191 2.63 20.49 -5.39
N ALA B 192 1.77 20.02 -6.29
CA ALA B 192 0.41 19.66 -5.89
C ALA B 192 0.42 18.52 -4.89
N LEU B 193 1.29 17.53 -5.08
CA LEU B 193 1.37 16.44 -4.12
C LEU B 193 1.87 16.92 -2.77
N ARG B 194 2.90 17.76 -2.75
CA ARG B 194 3.41 18.28 -1.48
C ARG B 194 2.31 19.00 -0.72
N GLN B 195 1.54 19.84 -1.42
CA GLN B 195 0.44 20.56 -0.78
C GLN B 195 -0.57 19.59 -0.19
N GLY B 196 -0.98 18.58 -0.97
CA GLY B 196 -1.95 17.62 -0.46
C GLY B 196 -1.40 16.83 0.72
N ALA B 197 -0.12 16.47 0.66
CA ALA B 197 0.48 15.72 1.76
C ALA B 197 0.51 16.55 3.03
N GLU B 198 0.82 17.84 2.90
CA GLU B 198 0.86 18.71 4.07
C GLU B 198 -0.53 18.95 4.63
N VAL B 199 -1.52 19.16 3.76
CA VAL B 199 -2.90 19.31 4.23
C VAL B 199 -3.36 18.04 4.93
N TYR B 200 -3.01 16.87 4.38
CA TYR B 200 -3.42 15.61 5.01
C TYR B 200 -2.86 15.48 6.42
N GLN B 201 -1.59 15.85 6.63
CA GLN B 201 -1.01 15.77 7.96
C GLN B 201 -1.74 16.70 8.93
N LYS B 202 -2.08 17.91 8.49
CA LYS B 202 -2.87 18.81 9.33
C LYS B 202 -4.21 18.19 9.67
N LEU B 203 -4.88 17.59 8.68
CA LEU B 203 -6.21 17.03 8.90
C LEU B 203 -6.17 15.88 9.90
N LYS B 204 -5.16 15.01 9.82
CA LYS B 204 -5.10 13.88 10.74
C LYS B 204 -4.89 14.35 12.18
N ALA B 205 -4.06 15.38 12.36
CA ALA B 205 -3.89 15.97 13.69
C ALA B 205 -5.20 16.55 14.21
N LEU B 206 -5.92 17.29 13.36
CA LEU B 206 -7.19 17.88 13.76
C LEU B 206 -8.20 16.81 14.15
N ALA B 207 -8.31 15.75 13.34
CA ALA B 207 -9.24 14.68 13.66
C ALA B 207 -8.90 14.04 15.00
N LYS B 208 -7.62 13.78 15.25
CA LYS B 208 -7.22 13.29 16.57
C LYS B 208 -7.60 14.28 17.66
N LYS B 209 -7.30 15.56 17.44
CA LYS B 209 -7.61 16.58 18.44
C LYS B 209 -9.11 16.66 18.72
N LYS B 210 -9.92 16.74 17.67
CA LYS B 210 -11.34 16.99 17.85
C LYS B 210 -12.16 15.75 18.13
N TYR B 211 -11.69 14.56 17.74
CA TYR B 211 -12.51 13.36 17.86
C TYR B 211 -11.83 12.22 18.62
N GLY B 212 -10.65 12.45 19.18
CA GLY B 212 -9.98 11.40 19.93
C GLY B 212 -8.90 10.72 19.10
N GLN B 213 -8.00 10.03 19.82
CA GLN B 213 -6.83 9.44 19.17
C GLN B 213 -7.22 8.41 18.10
N SER B 214 -8.27 7.62 18.38
CA SER B 214 -8.70 6.61 17.42
C SER B 214 -9.14 7.21 16.08
N ALA B 215 -9.38 8.52 16.03
CA ALA B 215 -9.81 9.15 14.78
C ALA B 215 -8.68 9.24 13.76
N GLY B 216 -7.44 9.05 14.18
CA GLY B 216 -6.32 9.05 13.26
C GLY B 216 -6.14 7.78 12.45
N ASN B 217 -6.82 6.69 12.82
CA ASN B 217 -6.76 5.47 12.05
C ASN B 217 -7.53 5.65 10.74
N VAL B 218 -7.11 4.93 9.70
CA VAL B 218 -7.53 5.24 8.35
C VAL B 218 -8.49 4.18 7.82
N GLY B 219 -9.31 4.60 6.86
CA GLY B 219 -10.17 3.70 6.13
C GLY B 219 -9.45 3.06 4.95
N ASP B 220 -10.25 2.49 4.05
CA ASP B 220 -9.72 1.67 2.96
C ASP B 220 -8.78 2.45 2.06
N GLU B 221 -9.07 3.73 1.83
CA GLU B 221 -8.31 4.53 0.89
C GLU B 221 -7.36 5.50 1.58
N GLY B 222 -7.11 5.33 2.87
CA GLY B 222 -6.10 6.10 3.56
C GLY B 222 -6.58 7.39 4.20
N GLY B 223 -7.85 7.74 4.05
CA GLY B 223 -8.36 8.91 4.74
C GLY B 223 -8.78 8.61 6.16
N VAL B 224 -8.99 9.67 6.94
CA VAL B 224 -9.54 9.49 8.28
C VAL B 224 -11.05 9.33 8.20
N ALA B 225 -11.63 8.71 9.23
CA ALA B 225 -13.07 8.44 9.27
C ALA B 225 -13.58 8.53 10.70
N PRO B 226 -13.63 9.74 11.26
CA PRO B 226 -14.21 9.91 12.59
C PRO B 226 -15.73 9.89 12.53
N ASP B 227 -16.35 9.81 13.71
CA ASP B 227 -17.80 9.85 13.83
C ASP B 227 -18.26 11.29 13.63
N ILE B 228 -18.68 11.62 12.40
CA ILE B 228 -19.13 12.95 12.02
C ILE B 228 -20.62 12.88 11.71
N GLN B 229 -21.35 13.94 12.08
CA GLN B 229 -22.80 13.94 11.92
C GLN B 229 -23.26 14.51 10.58
N THR B 230 -22.68 15.63 10.13
CA THR B 230 -23.20 16.35 8.97
C THR B 230 -22.11 16.62 7.95
N ALA B 231 -22.54 16.90 6.72
CA ALA B 231 -21.61 17.25 5.66
C ALA B 231 -20.88 18.56 5.95
N GLU B 232 -21.57 19.55 6.50
CA GLU B 232 -20.91 20.81 6.86
C GLU B 232 -19.82 20.57 7.89
N GLU B 233 -20.06 19.66 8.84
CA GLU B 233 -19.04 19.34 9.83
C GLU B 233 -17.78 18.79 9.17
N ALA B 234 -17.94 17.91 8.19
CA ALA B 234 -16.77 17.35 7.50
C ALA B 234 -16.06 18.41 6.67
N LEU B 235 -16.82 19.20 5.90
CA LEU B 235 -16.21 20.22 5.06
C LEU B 235 -15.49 21.28 5.89
N ASP B 236 -16.00 21.59 7.08
CA ASP B 236 -15.33 22.55 7.95
C ASP B 236 -13.97 22.01 8.41
N LEU B 237 -13.90 20.72 8.75
CA LEU B 237 -12.64 20.12 9.17
C LEU B 237 -11.61 20.20 8.05
N ILE B 238 -12.01 19.88 6.82
CA ILE B 238 -11.10 19.99 5.69
C ILE B 238 -10.69 21.45 5.47
N THR B 239 -11.66 22.37 5.53
CA THR B 239 -11.35 23.78 5.39
C THR B 239 -10.30 24.24 6.39
N GLU B 240 -10.43 23.79 7.65
CA GLU B 240 -9.49 24.20 8.68
C GLU B 240 -8.09 23.63 8.42
N ALA B 241 -8.02 22.39 7.92
CA ALA B 241 -6.72 21.80 7.59
C ALA B 241 -6.07 22.54 6.43
N ILE B 242 -6.85 22.91 5.43
CA ILE B 242 -6.32 23.69 4.30
C ILE B 242 -5.76 25.01 4.79
N GLU B 243 -6.47 25.67 5.70
CA GLU B 243 -6.01 26.96 6.24
C GLU B 243 -4.76 26.80 7.10
N GLN B 244 -4.71 25.74 7.93
CA GLN B 244 -3.51 25.52 8.74
C GLN B 244 -2.29 25.29 7.86
N ALA B 245 -2.46 24.60 6.74
CA ALA B 245 -1.36 24.37 5.82
C ALA B 245 -1.01 25.59 4.97
N GLY B 246 -1.83 26.64 5.02
CA GLY B 246 -1.55 27.87 4.31
C GLY B 246 -1.98 27.89 2.86
N TYR B 247 -2.96 27.08 2.47
CA TYR B 247 -3.32 26.95 1.06
C TYR B 247 -4.77 27.30 0.78
N THR B 248 -5.42 28.07 1.67
CA THR B 248 -6.78 28.53 1.39
C THR B 248 -6.81 29.28 0.06
N GLY B 249 -7.72 28.89 -0.82
CA GLY B 249 -7.82 29.48 -2.13
C GLY B 249 -7.01 28.80 -3.20
N LYS B 250 -6.05 27.96 -2.82
CA LYS B 250 -5.26 27.22 -3.78
C LYS B 250 -5.70 25.77 -3.92
N ILE B 251 -6.52 25.28 -2.99
CA ILE B 251 -6.96 23.90 -2.97
C ILE B 251 -8.48 23.89 -2.91
N LYS B 252 -9.11 23.16 -3.83
CA LYS B 252 -10.55 23.06 -3.91
C LYS B 252 -11.01 21.75 -3.25
N ILE B 253 -12.32 21.55 -3.23
CA ILE B 253 -12.93 20.40 -2.57
C ILE B 253 -13.79 19.66 -3.58
N ALA B 254 -13.79 18.33 -3.48
CA ALA B 254 -14.68 17.48 -4.25
C ALA B 254 -15.34 16.48 -3.33
N MET B 255 -16.53 15.98 -3.73
CA MET B 255 -17.29 15.04 -2.94
C MET B 255 -17.73 13.86 -3.78
N ASP B 256 -17.74 12.67 -3.18
CA ASP B 256 -18.48 11.53 -3.72
C ASP B 256 -19.62 11.25 -2.76
N VAL B 257 -20.84 11.56 -3.19
CA VAL B 257 -21.99 11.34 -2.32
C VAL B 257 -22.32 9.85 -2.22
N ALA B 258 -22.09 9.10 -3.30
CA ALA B 258 -22.49 7.70 -3.40
C ALA B 258 -23.94 7.52 -2.94
N SER B 259 -24.82 8.32 -3.54
CA SER B 259 -26.19 8.43 -3.08
C SER B 259 -27.01 7.16 -3.34
N SER B 260 -26.54 6.25 -4.20
CA SER B 260 -27.24 4.98 -4.35
C SER B 260 -27.28 4.24 -3.02
N GLU B 261 -26.31 4.50 -2.13
CA GLU B 261 -26.27 3.83 -0.84
C GLU B 261 -27.44 4.21 0.06
N PHE B 262 -28.10 5.35 -0.18
CA PHE B 262 -29.23 5.74 0.67
C PHE B 262 -30.46 6.19 -0.10
N TYR B 263 -30.62 5.72 -1.34
CA TYR B 263 -31.81 6.01 -2.11
C TYR B 263 -32.90 4.98 -1.79
N LYS B 264 -34.11 5.47 -1.54
CA LYS B 264 -35.29 4.61 -1.34
C LYS B 264 -36.11 4.65 -2.62
N ALA B 265 -35.87 3.66 -3.50
CA ALA B 265 -36.45 3.68 -4.84
C ALA B 265 -37.96 3.53 -4.83
N ASP B 266 -38.51 2.81 -3.83
CA ASP B 266 -39.96 2.63 -3.80
C ASP B 266 -40.69 3.93 -3.51
N VAL B 267 -40.06 4.84 -2.76
CA VAL B 267 -40.68 6.10 -2.37
C VAL B 267 -40.05 7.29 -3.07
N LYS B 268 -38.98 7.08 -3.86
CA LYS B 268 -38.31 8.14 -4.60
C LYS B 268 -37.83 9.25 -3.67
N LYS B 269 -37.14 8.86 -2.59
CA LYS B 269 -36.62 9.81 -1.63
C LYS B 269 -35.29 9.31 -1.09
N TYR B 270 -34.43 10.25 -0.67
CA TYR B 270 -33.09 9.95 -0.20
C TYR B 270 -33.04 10.11 1.31
N ASP B 271 -32.40 9.13 1.98
CA ASP B 271 -32.33 9.08 3.45
C ASP B 271 -30.92 9.49 3.88
N LEU B 272 -30.77 10.76 4.26
CA LEU B 272 -29.48 11.28 4.70
C LEU B 272 -29.06 10.74 6.06
N ASP B 273 -29.90 9.95 6.72
CA ASP B 273 -29.55 9.31 7.98
C ASP B 273 -29.77 7.81 7.87
N PHE B 274 -29.34 7.23 6.76
CA PHE B 274 -29.59 5.81 6.50
C PHE B 274 -28.86 4.87 7.45
N LYS B 275 -27.90 5.37 8.22
CA LYS B 275 -27.25 4.56 9.24
C LYS B 275 -28.01 4.60 10.57
N ASN B 276 -29.29 4.94 10.54
CA ASN B 276 -30.18 4.95 11.70
C ASN B 276 -29.68 5.87 12.81
N SER B 279 -33.91 6.54 11.70
CA SER B 279 -34.08 7.71 10.83
C SER B 279 -35.56 8.03 10.60
N ASP B 280 -35.86 9.33 10.53
CA ASP B 280 -37.23 9.79 10.38
C ASP B 280 -37.60 9.83 8.90
N PRO B 281 -38.60 9.06 8.46
CA PRO B 281 -39.03 9.18 7.05
C PRO B 281 -39.56 10.55 6.69
N SER B 282 -39.96 11.36 7.67
CA SER B 282 -40.40 12.73 7.38
C SER B 282 -39.22 13.63 6.99
N LYS B 283 -38.00 13.27 7.41
CA LYS B 283 -36.81 14.02 7.06
C LYS B 283 -36.17 13.57 5.75
N TRP B 284 -36.74 12.55 5.11
CA TRP B 284 -36.22 12.08 3.82
C TRP B 284 -36.42 13.15 2.76
N LEU B 285 -35.50 13.21 1.82
CA LEU B 285 -35.45 14.28 0.83
C LEU B 285 -35.82 13.76 -0.55
N THR B 286 -36.69 14.52 -1.24
CA THR B 286 -36.82 14.31 -2.68
C THR B 286 -35.54 14.76 -3.38
N TYR B 287 -35.42 14.43 -4.66
CA TYR B 287 -34.21 14.84 -5.36
C TYR B 287 -34.12 16.35 -5.47
N GLU B 288 -35.26 17.04 -5.50
CA GLU B 288 -35.24 18.51 -5.52
C GLU B 288 -34.71 19.05 -4.20
N GLN B 289 -35.08 18.43 -3.08
CA GLN B 289 -34.59 18.89 -1.78
C GLN B 289 -33.11 18.54 -1.60
N LEU B 290 -32.69 17.36 -2.07
CA LEU B 290 -31.28 17.01 -2.01
C LEU B 290 -30.45 17.90 -2.91
N ALA B 291 -30.95 18.20 -4.11
CA ALA B 291 -30.26 19.16 -4.99
C ALA B 291 -30.10 20.51 -4.31
N ASP B 292 -31.11 20.94 -3.53
CA ASP B 292 -31.01 22.18 -2.78
C ASP B 292 -29.83 22.14 -1.80
N LEU B 293 -29.62 20.98 -1.16
CA LEU B 293 -28.51 20.84 -0.23
C LEU B 293 -27.17 20.95 -0.94
N TYR B 294 -27.02 20.28 -2.09
CA TYR B 294 -25.79 20.42 -2.85
C TYR B 294 -25.55 21.87 -3.26
N LYS B 295 -26.59 22.54 -3.76
CA LYS B 295 -26.46 23.94 -4.17
C LYS B 295 -26.02 24.80 -3.00
N SER B 296 -26.59 24.58 -1.82
CA SER B 296 -26.19 25.35 -0.65
C SER B 296 -24.73 25.11 -0.29
N LEU B 297 -24.29 23.86 -0.32
CA LEU B 297 -22.90 23.55 0.00
C LEU B 297 -21.95 24.13 -1.05
N ALA B 298 -22.35 24.09 -2.32
CA ALA B 298 -21.48 24.58 -3.37
C ALA B 298 -21.39 26.10 -3.37
N ALA B 299 -22.41 26.79 -2.85
CA ALA B 299 -22.32 28.24 -2.71
C ALA B 299 -21.52 28.67 -1.48
N LYS B 300 -21.31 27.78 -0.52
CA LYS B 300 -20.59 28.13 0.70
C LYS B 300 -19.13 27.68 0.67
N TYR B 301 -18.85 26.50 0.11
CA TYR B 301 -17.53 25.89 0.07
C TYR B 301 -17.02 25.82 -1.36
N PRO B 302 -15.69 25.74 -1.54
CA PRO B 302 -15.14 25.68 -2.91
C PRO B 302 -15.22 24.28 -3.51
N ILE B 303 -16.44 23.78 -3.67
CA ILE B 303 -16.71 22.46 -4.21
C ILE B 303 -16.77 22.55 -5.72
N VAL B 304 -15.84 21.89 -6.41
CA VAL B 304 -15.73 21.97 -7.87
C VAL B 304 -16.17 20.69 -8.56
N SER B 305 -16.55 19.66 -7.81
CA SER B 305 -16.90 18.38 -8.42
C SER B 305 -17.71 17.57 -7.41
N ILE B 306 -18.81 16.99 -7.88
CA ILE B 306 -19.66 16.13 -7.05
C ILE B 306 -19.93 14.84 -7.82
N GLU B 307 -19.61 13.70 -7.21
CA GLU B 307 -19.76 12.39 -7.83
C GLU B 307 -21.00 11.70 -7.28
N ASP B 308 -21.76 11.08 -8.18
CA ASP B 308 -22.98 10.37 -7.84
C ASP B 308 -23.95 11.16 -6.94
N PRO B 309 -24.26 12.41 -7.28
CA PRO B 309 -25.21 13.16 -6.44
C PRO B 309 -26.57 12.49 -6.34
N PHE B 310 -26.96 11.69 -7.32
CA PHE B 310 -28.24 10.98 -7.32
C PHE B 310 -28.00 9.53 -7.71
N ALA B 311 -29.03 8.71 -7.51
CA ALA B 311 -28.90 7.27 -7.58
C ALA B 311 -28.60 6.80 -9.01
N GLU B 312 -28.18 5.55 -9.10
CA GLU B 312 -27.64 5.02 -10.34
C GLU B 312 -28.68 4.94 -11.46
N ASP B 313 -29.97 4.98 -11.13
CA ASP B 313 -31.02 4.97 -12.15
C ASP B 313 -32.02 6.11 -11.96
N ASP B 314 -31.65 7.14 -11.19
CA ASP B 314 -32.50 8.33 -11.03
C ASP B 314 -32.14 9.38 -12.09
N TRP B 315 -32.33 8.97 -13.35
CA TRP B 315 -31.91 9.81 -14.47
C TRP B 315 -32.57 11.19 -14.43
N GLU B 316 -33.83 11.24 -13.99
CA GLU B 316 -34.55 12.51 -13.93
C GLU B 316 -33.86 13.49 -12.99
N ALA B 317 -33.38 13.00 -11.84
CA ALA B 317 -32.69 13.86 -10.88
C ALA B 317 -31.37 14.39 -11.43
N TRP B 318 -30.58 13.53 -12.07
CA TRP B 318 -29.33 13.97 -12.66
C TRP B 318 -29.55 15.09 -13.67
N SER B 319 -30.44 14.87 -14.64
CA SER B 319 -30.69 15.87 -15.67
C SER B 319 -31.21 17.17 -15.07
N TYR B 320 -32.04 17.06 -14.04
CA TYR B 320 -32.53 18.24 -13.34
C TYR B 320 -31.37 19.01 -12.70
N PHE B 321 -30.40 18.30 -12.14
CA PHE B 321 -29.26 18.92 -11.46
C PHE B 321 -28.25 19.47 -12.47
N TYR B 322 -28.04 18.73 -13.56
CA TYR B 322 -27.14 19.17 -14.63
C TYR B 322 -27.51 20.56 -15.15
N LYS B 323 -28.81 20.83 -15.28
CA LYS B 323 -29.25 22.05 -15.96
C LYS B 323 -28.81 23.32 -15.24
N THR B 324 -28.64 23.26 -13.92
CA THR B 324 -28.36 24.44 -13.12
C THR B 324 -26.92 24.53 -12.63
N SER B 325 -26.11 23.50 -12.83
CA SER B 325 -24.84 23.36 -12.13
C SER B 325 -23.68 23.72 -13.03
N ASP B 326 -22.79 24.60 -12.54
CA ASP B 326 -21.60 24.99 -13.26
C ASP B 326 -20.36 24.21 -12.84
N PHE B 327 -20.48 23.30 -11.88
CA PHE B 327 -19.37 22.48 -11.43
C PHE B 327 -19.43 21.11 -12.10
N GLN B 328 -18.42 20.28 -11.83
CA GLN B 328 -18.32 18.97 -12.44
C GLN B 328 -19.29 18.00 -11.77
N ILE B 329 -20.01 17.22 -12.57
CA ILE B 329 -20.96 16.23 -12.10
C ILE B 329 -20.51 14.88 -12.66
N VAL B 330 -20.00 14.01 -11.77
CA VAL B 330 -19.24 12.82 -12.16
C VAL B 330 -20.12 11.59 -12.00
N GLY B 331 -20.25 10.80 -13.07
CA GLY B 331 -20.93 9.52 -12.95
C GLY B 331 -19.96 8.45 -12.46
N ASP B 332 -20.39 7.69 -11.46
CA ASP B 332 -19.68 6.49 -11.03
C ASP B 332 -20.61 5.29 -11.16
N ASP B 333 -21.51 5.10 -10.19
CA ASP B 333 -22.52 4.05 -10.32
C ASP B 333 -23.47 4.35 -11.48
N LEU B 334 -23.70 5.63 -11.79
CA LEU B 334 -24.56 5.97 -12.92
C LEU B 334 -24.04 5.38 -14.22
N THR B 335 -22.74 5.53 -14.47
CA THR B 335 -22.18 5.22 -15.78
C THR B 335 -21.40 3.91 -15.81
N VAL B 336 -20.90 3.43 -14.67
CA VAL B 336 -20.07 2.23 -14.51
C VAL B 336 -19.15 1.96 -15.71
N THR B 337 -18.45 3.02 -16.15
CA THR B 337 -17.46 2.93 -17.24
C THR B 337 -18.02 2.18 -18.46
N ASN B 338 -19.33 2.31 -18.68
CA ASN B 338 -20.03 1.50 -19.68
C ASN B 338 -20.48 2.37 -20.84
N PRO B 339 -19.94 2.17 -22.06
CA PRO B 339 -20.29 3.07 -23.18
C PRO B 339 -21.77 3.17 -23.46
N GLY B 340 -22.55 2.11 -23.22
CA GLY B 340 -23.98 2.18 -23.41
C GLY B 340 -24.65 3.15 -22.45
N ARG B 341 -24.25 3.10 -21.18
CA ARG B 341 -24.82 4.01 -20.19
C ARG B 341 -24.26 5.42 -20.34
N ILE B 342 -23.04 5.55 -20.86
CA ILE B 342 -22.50 6.87 -21.18
C ILE B 342 -23.33 7.53 -22.28
N LYS B 343 -23.66 6.77 -23.32
CA LYS B 343 -24.47 7.32 -24.42
C LYS B 343 -25.82 7.80 -23.91
N LYS B 344 -26.46 7.02 -23.02
CA LYS B 344 -27.71 7.47 -22.42
C LYS B 344 -27.51 8.74 -21.60
N ALA B 345 -26.42 8.81 -20.84
CA ALA B 345 -26.17 9.99 -20.02
C ALA B 345 -25.89 11.23 -20.86
N ILE B 346 -25.23 11.06 -22.02
CA ILE B 346 -25.04 12.18 -22.93
C ILE B 346 -26.39 12.62 -23.51
N GLU B 347 -27.21 11.65 -23.93
CA GLU B 347 -28.47 11.96 -24.60
C GLU B 347 -29.45 12.64 -23.65
N LEU B 348 -29.52 12.20 -22.40
CA LEU B 348 -30.39 12.84 -21.41
C LEU B 348 -29.71 13.99 -20.67
N LYS B 349 -28.44 14.27 -20.97
CA LYS B 349 -27.70 15.38 -20.34
C LYS B 349 -27.71 15.25 -18.82
N SER B 350 -27.27 14.09 -18.35
CA SER B 350 -27.34 13.75 -16.93
C SER B 350 -26.08 14.10 -16.15
N CYS B 351 -24.90 14.01 -16.78
CA CYS B 351 -23.65 14.31 -16.10
C CYS B 351 -22.66 14.86 -17.12
N ASN B 352 -21.56 15.42 -16.62
CA ASN B 352 -20.57 16.03 -17.49
C ASN B 352 -19.17 15.49 -17.22
N ALA B 353 -19.06 14.35 -16.52
CA ALA B 353 -17.78 13.73 -16.28
C ALA B 353 -17.97 12.25 -15.99
N LEU B 354 -16.96 11.48 -16.35
CA LEU B 354 -16.94 10.04 -16.15
C LEU B 354 -15.84 9.67 -15.15
N LEU B 355 -16.20 8.88 -14.15
CA LEU B 355 -15.21 8.13 -13.38
C LEU B 355 -14.83 6.89 -14.17
N LEU B 356 -13.57 6.75 -14.52
CA LEU B 356 -13.11 5.67 -15.41
C LEU B 356 -12.46 4.59 -14.56
N LYS B 357 -13.16 3.47 -14.37
CA LYS B 357 -12.68 2.28 -13.68
C LYS B 357 -12.51 1.18 -14.73
N VAL B 358 -11.26 0.91 -15.14
CA VAL B 358 -11.03 -0.01 -16.26
C VAL B 358 -11.64 -1.39 -15.96
N ASN B 359 -11.62 -1.82 -14.70
CA ASN B 359 -12.12 -3.16 -14.41
C ASN B 359 -13.64 -3.22 -14.32
N GLN B 360 -14.34 -2.10 -14.48
CA GLN B 360 -15.79 -2.13 -14.59
C GLN B 360 -16.25 -2.49 -15.99
N ILE B 361 -15.38 -2.39 -16.99
CA ILE B 361 -15.70 -2.76 -18.35
C ILE B 361 -14.86 -3.93 -18.85
N GLY B 362 -13.60 -4.01 -18.43
CA GLY B 362 -12.85 -5.25 -18.47
C GLY B 362 -11.75 -5.38 -19.51
N THR B 363 -11.64 -4.44 -20.45
CA THR B 363 -10.49 -4.41 -21.36
C THR B 363 -10.00 -2.97 -21.47
N LEU B 364 -8.72 -2.84 -21.82
CA LEU B 364 -8.16 -1.49 -22.03
C LEU B 364 -8.81 -0.79 -23.21
N THR B 365 -9.11 -1.54 -24.28
CA THR B 365 -9.70 -0.93 -25.47
C THR B 365 -11.07 -0.35 -25.16
N GLU B 366 -11.92 -1.13 -24.47
CA GLU B 366 -13.24 -0.62 -24.11
C GLU B 366 -13.15 0.55 -23.13
N SER B 367 -12.16 0.53 -22.24
CA SER B 367 -11.95 1.67 -21.36
C SER B 367 -11.61 2.92 -22.16
N ILE B 368 -10.69 2.77 -23.13
CA ILE B 368 -10.30 3.92 -23.93
C ILE B 368 -11.50 4.44 -24.73
N GLN B 369 -12.33 3.53 -25.25
CA GLN B 369 -13.52 3.94 -25.97
C GLN B 369 -14.47 4.73 -25.09
N ALA B 370 -14.66 4.28 -23.84
CA ALA B 370 -15.51 5.01 -22.90
C ALA B 370 -14.99 6.43 -22.67
N ALA B 371 -13.68 6.58 -22.56
CA ALA B 371 -13.09 7.92 -22.42
C ALA B 371 -13.34 8.76 -23.66
N LYS B 372 -13.08 8.20 -24.84
CA LYS B 372 -13.31 8.96 -26.07
C LYS B 372 -14.78 9.32 -26.24
N ASP B 373 -15.68 8.41 -25.89
CA ASP B 373 -17.11 8.72 -25.94
C ASP B 373 -17.46 9.88 -25.02
N SER B 374 -16.86 9.90 -23.84
CA SER B 374 -17.07 11.01 -22.91
C SER B 374 -16.46 12.30 -23.45
N TYR B 375 -15.22 12.23 -23.96
CA TYR B 375 -14.58 13.41 -24.54
C TYR B 375 -15.41 13.99 -25.68
N ALA B 376 -16.11 13.14 -26.43
CA ALA B 376 -16.88 13.62 -27.57
C ALA B 376 -18.02 14.54 -27.16
N ASP B 377 -18.49 14.44 -25.92
CA ASP B 377 -19.48 15.36 -25.37
C ASP B 377 -18.84 16.38 -24.41
N ASN B 378 -17.53 16.62 -24.57
CA ASN B 378 -16.79 17.57 -23.73
C ASN B 378 -16.89 17.23 -22.25
N TRP B 379 -16.95 15.95 -21.92
CA TRP B 379 -16.92 15.52 -20.52
C TRP B 379 -15.50 15.59 -19.97
N GLY B 380 -15.39 15.78 -18.67
CA GLY B 380 -14.17 15.43 -17.98
C GLY B 380 -14.07 13.94 -17.76
N VAL B 381 -12.85 13.44 -17.63
CA VAL B 381 -12.61 12.02 -17.37
C VAL B 381 -11.65 11.93 -16.20
N MET B 382 -12.08 11.25 -15.15
CA MET B 382 -11.30 11.07 -13.93
C MET B 382 -10.98 9.58 -13.80
N VAL B 383 -9.74 9.20 -14.14
CA VAL B 383 -9.30 7.82 -13.98
C VAL B 383 -9.29 7.48 -12.49
N SER B 384 -9.82 6.31 -12.15
CA SER B 384 -10.13 5.98 -10.77
C SER B 384 -9.56 4.65 -10.35
N HIS B 385 -9.17 4.58 -9.07
CA HIS B 385 -8.83 3.36 -8.39
C HIS B 385 -10.11 2.62 -7.98
N ARG B 386 -9.94 1.46 -7.35
CA ARG B 386 -11.03 0.76 -6.67
C ARG B 386 -10.73 0.73 -5.17
N SER B 387 -11.73 0.31 -4.41
CA SER B 387 -11.56 0.17 -2.96
C SER B 387 -10.45 -0.82 -2.64
N GLY B 388 -10.46 -1.97 -3.30
CA GLY B 388 -9.37 -2.93 -3.20
C GLY B 388 -8.32 -2.70 -4.26
N GLU B 389 -7.21 -2.05 -3.89
CA GLU B 389 -6.14 -1.76 -4.83
C GLU B 389 -4.93 -2.65 -4.56
N THR B 390 -3.91 -2.50 -5.39
CA THR B 390 -2.67 -3.27 -5.29
C THR B 390 -1.48 -2.34 -5.52
N GLU B 391 -0.28 -2.92 -5.49
CA GLU B 391 0.94 -2.18 -5.79
C GLU B 391 1.09 -1.86 -7.28
N ASP B 392 0.18 -2.33 -8.12
CA ASP B 392 0.17 -2.03 -9.54
C ASP B 392 -0.10 -0.54 -9.76
N VAL B 393 0.56 0.05 -10.77
CA VAL B 393 0.44 1.48 -11.00
C VAL B 393 -0.08 1.80 -12.41
N THR B 394 -0.75 0.84 -13.05
CA THR B 394 -1.16 1.01 -14.44
C THR B 394 -2.02 2.26 -14.64
N ILE B 395 -2.93 2.57 -13.69
CA ILE B 395 -3.85 3.67 -13.90
C ILE B 395 -3.14 5.01 -13.89
N ALA B 396 -1.93 5.08 -13.32
CA ALA B 396 -1.13 6.30 -13.46
C ALA B 396 -0.76 6.53 -14.93
N ASP B 397 -0.24 5.50 -15.59
CA ASP B 397 0.02 5.61 -17.02
C ASP B 397 -1.25 5.82 -17.83
N ILE B 398 -2.37 5.26 -17.39
CA ILE B 398 -3.63 5.46 -18.09
C ILE B 398 -4.09 6.91 -17.99
N ALA B 399 -3.98 7.50 -16.79
CA ALA B 399 -4.38 8.89 -16.63
C ALA B 399 -3.54 9.81 -17.50
N VAL B 400 -2.24 9.57 -17.59
CA VAL B 400 -1.37 10.40 -18.42
C VAL B 400 -1.65 10.14 -19.90
N GLY B 401 -1.71 8.87 -20.29
CA GLY B 401 -1.92 8.54 -21.69
C GLY B 401 -3.24 9.03 -22.24
N LEU B 402 -4.28 9.04 -21.40
CA LEU B 402 -5.59 9.55 -21.81
C LEU B 402 -5.67 11.07 -21.80
N ARG B 403 -4.65 11.76 -21.29
CA ARG B 403 -4.64 13.22 -21.18
C ARG B 403 -5.85 13.71 -20.37
N SER B 404 -6.24 12.93 -19.37
CA SER B 404 -7.49 13.19 -18.67
C SER B 404 -7.37 14.38 -17.72
N GLY B 405 -6.17 14.66 -17.22
CA GLY B 405 -5.97 15.76 -16.30
C GLY B 405 -6.53 15.56 -14.90
N GLN B 406 -7.14 14.41 -14.60
CA GLN B 406 -7.66 14.12 -13.27
C GLN B 406 -7.50 12.65 -12.97
N ILE B 407 -7.08 12.35 -11.74
CA ILE B 407 -6.98 10.99 -11.23
C ILE B 407 -7.53 10.95 -9.81
N LYS B 408 -8.25 9.88 -9.48
CA LYS B 408 -8.72 9.64 -8.12
C LYS B 408 -8.10 8.33 -7.64
N THR B 409 -7.10 8.43 -6.76
CA THR B 409 -6.37 7.25 -6.36
C THR B 409 -5.99 7.28 -4.87
N GLY B 410 -6.77 8.00 -4.06
CA GLY B 410 -6.74 7.84 -2.63
C GLY B 410 -6.19 9.08 -1.90
N ALA B 411 -6.26 8.99 -0.58
CA ALA B 411 -5.49 9.91 0.26
C ALA B 411 -4.00 9.66 0.02
N PRO B 412 -3.14 10.61 0.42
CA PRO B 412 -1.69 10.35 0.36
C PRO B 412 -1.24 9.47 1.53
N CYS B 413 -1.81 8.27 1.59
CA CYS B 413 -1.60 7.36 2.71
C CYS B 413 -1.97 5.96 2.22
N ARG B 414 -1.17 4.97 2.62
CA ARG B 414 -1.23 3.58 2.14
C ARG B 414 -0.64 3.49 0.73
N SER B 415 0.35 2.61 0.56
CA SER B 415 1.15 2.62 -0.66
C SER B 415 0.39 2.09 -1.89
N GLU B 416 -0.72 1.36 -1.73
CA GLU B 416 -1.54 1.09 -2.92
C GLU B 416 -2.13 2.38 -3.48
N ARG B 417 -2.19 3.45 -2.67
CA ARG B 417 -2.53 4.77 -3.18
C ARG B 417 -1.28 5.53 -3.63
N LEU B 418 -0.25 5.60 -2.78
CA LEU B 418 0.94 6.40 -3.11
C LEU B 418 1.67 5.87 -4.33
N ALA B 419 1.63 4.55 -4.57
CA ALA B 419 2.38 3.99 -5.70
C ALA B 419 1.97 4.64 -7.01
N LYS B 420 0.69 4.93 -7.18
CA LYS B 420 0.23 5.66 -8.35
C LYS B 420 0.82 7.06 -8.38
N LEU B 421 0.75 7.77 -7.26
CA LEU B 421 1.29 9.14 -7.21
C LEU B 421 2.79 9.16 -7.47
N ASN B 422 3.53 8.20 -6.90
CA ASN B 422 4.98 8.14 -7.12
C ASN B 422 5.28 7.88 -8.59
N GLN B 423 4.46 7.05 -9.25
CA GLN B 423 4.67 6.79 -10.66
C GLN B 423 4.50 8.05 -11.49
N ILE B 424 3.51 8.88 -11.15
CA ILE B 424 3.35 10.13 -11.88
C ILE B 424 4.52 11.07 -11.61
N LEU B 425 5.09 11.04 -10.40
CA LEU B 425 6.34 11.76 -10.15
C LEU B 425 7.45 11.31 -11.08
N ARG B 426 7.55 10.00 -11.33
CA ARG B 426 8.60 9.51 -12.24
C ARG B 426 8.34 9.96 -13.67
N ILE B 427 7.07 9.94 -14.10
CA ILE B 427 6.70 10.40 -15.42
C ILE B 427 6.98 11.89 -15.56
N GLU B 428 6.63 12.68 -14.54
CA GLU B 428 6.88 14.11 -14.55
C GLU B 428 8.37 14.41 -14.72
N GLU B 429 9.21 13.75 -13.92
CA GLU B 429 10.65 13.95 -14.04
C GLU B 429 11.16 13.49 -15.40
N GLU B 430 10.60 12.40 -15.91
CA GLU B 430 11.05 11.85 -17.18
C GLU B 430 10.70 12.77 -18.35
N LEU B 431 9.51 13.36 -18.33
CA LEU B 431 9.06 14.14 -19.47
C LEU B 431 9.62 15.55 -19.48
N GLY B 432 9.82 16.15 -18.30
CA GLY B 432 10.33 17.51 -18.24
C GLY B 432 9.37 18.48 -18.91
N GLU B 433 9.91 19.30 -19.82
CA GLU B 433 9.10 20.32 -20.49
C GLU B 433 8.05 19.70 -21.42
N ASN B 434 8.19 18.43 -21.79
CA ASN B 434 7.22 17.77 -22.65
C ASN B 434 5.96 17.35 -21.89
N ALA B 435 5.78 17.80 -20.65
CA ALA B 435 4.55 17.58 -19.91
C ALA B 435 4.15 18.87 -19.22
N VAL B 436 2.85 19.07 -19.05
CA VAL B 436 2.31 20.19 -18.28
C VAL B 436 1.28 19.65 -17.29
N TYR B 437 1.20 20.32 -16.15
CA TYR B 437 0.21 19.96 -15.13
C TYR B 437 -1.14 20.56 -15.48
N ALA B 438 -2.19 19.75 -15.34
CA ALA B 438 -3.51 20.19 -15.82
C ALA B 438 -3.99 21.41 -15.08
N GLY B 439 -3.72 21.49 -13.77
CA GLY B 439 -4.08 22.68 -13.02
C GLY B 439 -5.57 22.90 -12.98
N SER B 440 -5.98 24.17 -13.06
CA SER B 440 -7.39 24.53 -12.97
C SER B 440 -8.20 24.09 -14.18
N LYS B 441 -7.55 23.58 -15.23
CA LYS B 441 -8.23 23.17 -16.45
C LYS B 441 -8.48 21.67 -16.50
N PHE B 442 -8.55 21.00 -15.33
CA PHE B 442 -8.71 19.55 -15.31
C PHE B 442 -9.97 19.10 -16.07
N ARG B 443 -11.04 19.89 -16.04
CA ARG B 443 -12.27 19.49 -16.72
C ARG B 443 -12.11 19.44 -18.24
N THR B 444 -11.13 20.16 -18.79
CA THR B 444 -10.95 20.23 -20.25
C THR B 444 -9.52 19.86 -20.64
N ALA B 445 -8.84 19.04 -19.83
CA ALA B 445 -7.41 18.82 -20.01
C ALA B 445 -7.10 18.18 -21.36
N VAL B 446 -8.04 17.41 -21.91
CA VAL B 446 -7.76 16.69 -23.16
C VAL B 446 -7.53 17.67 -24.32
N ASN B 447 -8.09 18.88 -24.23
CA ASN B 447 -7.92 19.91 -25.25
C ASN B 447 -7.05 21.06 -24.78
N LEU B 448 -6.46 20.95 -23.59
CA LEU B 448 -5.58 21.98 -23.04
C LEU B 448 -4.44 22.31 -24.01
#